data_4KWU
#
_entry.id   4KWU
#
_cell.length_a   166.125
_cell.length_b   102.962
_cell.length_c   75.006
_cell.angle_alpha   90.00
_cell.angle_beta   104.93
_cell.angle_gamma   90.00
#
_symmetry.space_group_name_H-M   'C 1 2 1'
#
loop_
_entity.id
_entity.type
_entity.pdbx_description
1 polymer 'Lmo2446 protein'
2 non-polymer 'MAGNESIUM ION'
3 non-polymer 'CALCIUM ION'
4 non-polymer beta-D-glucopyranose
5 non-polymer alpha-D-glucopyranose
6 water water
#
_entity_poly.entity_id   1
_entity_poly.type   'polypeptide(L)'
_entity_poly.pdbx_seq_one_letter_code
;(MSE)HHHHHHSSGVDLGTENLYFQSNA(MSE)DGEYHSPYGDDDLYTVQPTERSPRDPKAGEDVILNITTWPIENGQDV
WVEWTKNGVAQENVTAAYDYNSGNNTYWKADLGKFEKGDEITYTTKGSTNGGTAYESGPFTFYVTDWEYVQDVTSVVDNG
DSITLN(MSE)TATAGDFSPKLYLSFEDLDTLR(MSE)ELSPTGKETGHAGKSGYTVEDTAEKVTVTTEDLSIEIQKSPY
R(MSE)EVHQADGTLLTSEYTTANSLGWLTDGKNVINQYQNNF(MSE)TPSDEAFYGFGERYDTINQRGKDVETYVYNEY
QDQAQTERTYLAVPFFVSANKYG(MSE)YVNSDFHSQFQ(MSE)ASKVEDKYSFVLDNDGD(MSE)TN(MSE)LDYYVIS
GKDQNDIVNNYTDITGKTTLLPKWAFGLW(MSE)SANEWDRESDVSSALSNAKANDIPATGFVLEQWSDEETYYIWNNAT
YTAKKNGEAFSYDDFTFNGKWTDPKG(MSE)VDSVHDAG(MSE)NIVLWQVPVLKDDGTVYEQRDNDEEY(MSE)ISQGY
SADDGTGAPYRVPASQWFGNGILLDFTNKDAVDWWTSQREYLLTEVGIDGFKTDGGE(MSE)VWGRDTTFSNGEKGQE
(MSE)RNRYPTDYVSSYFDFAKSINPEAVSFSRSGTSGAQKSGIYWSGDQTSTFDSFQASLKAGLSASTSGVSYWAWD
(MSE)AGFTGDYPTAELYKRATA(MSE)AAFAPI(MSE)QFHSEKSDPSPSEERSPWNAVARTGDETILPTFQKYLYTR
(MSE)NLLPYIYTAAKDTADNGKS(MSE)(MSE)RQ(MSE)A(MSE)DYPEDVNARDLDEQY(MSE)FGDDLLVAPIVQE
GQTEKEVYLPEGEWVDIWNGGVHPGGETISYYADVDTLPVFAKAGAIIP(MSE)N(MSE)TDGYQLGQNVGNDLKSYDNL
TFRVYPSGDSEYSFYDDVNGGE(MSE)RDISVSEDFANEKVSVDLPA(MSE)ADETT(MSE)QVFSTEPTSVTIDGADVA
KADTLDAFNEATTGYYYDTVQNLTYVKAAAKDAKQAIVLNGVNHAPYEAEFGHLTNVTTASDHAGYTGTGFVAGFDAEKE
AVEFDIDAVDGASDYT(MSE)EVRYSAGVEDATRTVYINGKKQQITLPKTANWDTWNTVEVPVTLQAGNNQVVFDFEADD
TAGINFDHVVIKK
;
_entity_poly.pdbx_strand_id   A
#
# COMPACT_ATOMS: atom_id res chain seq x y z
N ASP A 26 -40.14 -32.10 -8.55
CA ASP A 26 -40.94 -30.97 -9.11
C ASP A 26 -40.91 -29.79 -8.14
N GLY A 27 -40.85 -28.59 -8.69
CA GLY A 27 -40.78 -27.42 -7.85
C GLY A 27 -40.89 -26.10 -8.57
N GLU A 28 -40.72 -25.04 -7.80
CA GLU A 28 -40.79 -23.67 -8.27
C GLU A 28 -39.84 -22.88 -7.38
N TYR A 29 -39.25 -21.80 -7.88
CA TYR A 29 -38.35 -21.01 -7.05
C TYR A 29 -38.17 -19.62 -7.59
N HIS A 30 -38.20 -18.66 -6.66
CA HIS A 30 -37.88 -17.27 -6.90
C HIS A 30 -37.28 -16.78 -5.61
N SER A 31 -36.22 -16.00 -5.72
CA SER A 31 -35.60 -15.36 -4.58
C SER A 31 -35.10 -13.99 -5.08
N PRO A 32 -35.73 -12.92 -4.58
CA PRO A 32 -35.54 -11.61 -5.21
C PRO A 32 -34.15 -11.07 -5.31
N TYR A 33 -33.33 -11.28 -4.30
CA TYR A 33 -31.97 -10.78 -4.29
C TYR A 33 -30.93 -11.80 -4.75
N GLY A 34 -31.33 -13.06 -4.88
CA GLY A 34 -30.37 -14.16 -5.18
C GLY A 34 -29.24 -14.13 -4.15
N ASP A 35 -27.98 -14.12 -4.58
CA ASP A 35 -26.88 -14.00 -3.62
C ASP A 35 -26.49 -12.53 -3.30
N ASP A 36 -27.21 -11.57 -3.89
CA ASP A 36 -26.96 -10.12 -3.72
C ASP A 36 -25.58 -9.75 -4.23
N ASP A 37 -25.09 -10.49 -5.23
CA ASP A 37 -23.77 -10.23 -5.77
C ASP A 37 -23.84 -8.91 -6.50
N LEU A 38 -22.82 -8.08 -6.32
CA LEU A 38 -22.80 -6.80 -7.00
C LEU A 38 -22.67 -6.95 -8.52
N TYR A 39 -21.88 -7.91 -8.97
CA TYR A 39 -21.54 -8.02 -10.38
C TYR A 39 -22.40 -8.91 -11.27
N THR A 40 -23.09 -9.89 -10.69
CA THR A 40 -23.88 -10.82 -11.47
C THR A 40 -25.24 -10.99 -10.81
N VAL A 41 -26.15 -11.68 -11.50
CA VAL A 41 -27.42 -12.00 -10.92
C VAL A 41 -27.67 -13.48 -11.06
N GLN A 42 -28.42 -14.01 -10.10
CA GLN A 42 -28.92 -15.38 -10.24
C GLN A 42 -30.12 -15.32 -11.23
N PRO A 43 -30.52 -16.44 -11.82
CA PRO A 43 -31.58 -16.38 -12.83
C PRO A 43 -33.03 -16.36 -12.33
N THR A 44 -33.19 -16.18 -11.03
CA THR A 44 -34.50 -16.17 -10.40
C THR A 44 -34.67 -14.99 -9.44
N GLU A 45 -34.10 -13.85 -9.79
CA GLU A 45 -34.16 -12.64 -8.99
C GLU A 45 -35.25 -11.67 -9.45
N ARG A 46 -35.43 -10.62 -8.64
CA ARG A 46 -36.29 -9.52 -8.98
C ARG A 46 -35.40 -8.44 -9.54
N SER A 47 -35.88 -7.76 -10.58
CA SER A 47 -35.16 -6.68 -11.22
C SER A 47 -36.09 -5.47 -11.44
N PRO A 48 -35.72 -4.30 -10.89
CA PRO A 48 -34.56 -4.07 -10.02
C PRO A 48 -34.73 -4.77 -8.67
N ARG A 49 -33.62 -5.05 -8.00
CA ARG A 49 -33.72 -5.66 -6.70
C ARG A 49 -34.49 -4.77 -5.71
N ASP A 50 -34.18 -3.47 -5.69
CA ASP A 50 -34.83 -2.51 -4.78
C ASP A 50 -35.49 -1.43 -5.65
N PRO A 51 -36.74 -1.66 -6.06
CA PRO A 51 -37.37 -0.75 -7.02
C PRO A 51 -37.59 0.67 -6.50
N LYS A 52 -37.35 1.64 -7.38
CA LYS A 52 -37.64 3.04 -7.10
C LYS A 52 -38.90 3.42 -7.87
N ALA A 53 -39.48 4.57 -7.54
CA ALA A 53 -40.67 5.07 -8.21
C ALA A 53 -40.45 5.09 -9.74
N GLY A 54 -41.45 4.62 -10.48
CA GLY A 54 -41.39 4.66 -11.92
C GLY A 54 -40.63 3.55 -12.61
N GLU A 55 -40.06 2.61 -11.85
CA GLU A 55 -39.27 1.52 -12.45
C GLU A 55 -40.12 0.30 -12.64
N ASP A 56 -40.11 -0.25 -13.85
CA ASP A 56 -40.87 -1.47 -14.13
C ASP A 56 -40.25 -2.61 -13.35
N VAL A 57 -41.05 -3.41 -12.65
CA VAL A 57 -40.55 -4.51 -11.83
C VAL A 57 -40.84 -5.90 -12.41
N ILE A 58 -39.75 -6.63 -12.69
CA ILE A 58 -39.84 -7.98 -13.27
C ILE A 58 -39.37 -9.01 -12.28
N LEU A 59 -40.12 -10.12 -12.21
CA LEU A 59 -39.82 -11.25 -11.37
C LEU A 59 -39.42 -12.40 -12.28
N ASN A 60 -38.21 -12.90 -12.06
CA ASN A 60 -37.69 -14.09 -12.75
C ASN A 60 -37.95 -15.28 -11.86
N ILE A 61 -38.64 -16.26 -12.44
CA ILE A 61 -39.11 -17.40 -11.68
C ILE A 61 -38.76 -18.66 -12.42
N THR A 62 -38.40 -19.73 -11.69
CA THR A 62 -38.14 -21.02 -12.34
C THR A 62 -39.06 -22.11 -11.85
N THR A 63 -39.24 -23.09 -12.74
CA THR A 63 -39.96 -24.32 -12.45
C THR A 63 -39.17 -25.49 -12.99
N TRP A 64 -39.42 -26.66 -12.40
CA TRP A 64 -38.83 -27.92 -12.85
C TRP A 64 -39.76 -29.10 -12.54
N PRO A 65 -39.69 -30.16 -13.34
CA PRO A 65 -38.85 -30.28 -14.55
C PRO A 65 -39.52 -29.53 -15.69
N ILE A 66 -38.92 -29.59 -16.87
CA ILE A 66 -39.49 -29.00 -18.07
C ILE A 66 -40.60 -29.95 -18.48
N GLU A 67 -41.79 -29.40 -18.67
CA GLU A 67 -42.99 -30.21 -18.82
C GLU A 67 -44.08 -29.37 -19.44
N ASN A 68 -44.90 -29.94 -20.30
CA ASN A 68 -46.03 -29.17 -20.84
C ASN A 68 -47.11 -29.08 -19.76
N GLY A 69 -47.92 -28.04 -19.85
CA GLY A 69 -49.05 -27.85 -18.94
C GLY A 69 -48.79 -27.03 -17.71
N GLN A 70 -47.64 -26.34 -17.65
CA GLN A 70 -47.34 -25.53 -16.49
C GLN A 70 -47.91 -24.13 -16.57
N ASP A 71 -48.25 -23.61 -15.40
CA ASP A 71 -48.73 -22.26 -15.24
C ASP A 71 -47.92 -21.62 -14.11
N VAL A 72 -47.48 -20.37 -14.29
CA VAL A 72 -46.72 -19.65 -13.26
C VAL A 72 -47.41 -18.31 -13.09
N TRP A 73 -47.62 -17.89 -11.86
CA TRP A 73 -48.32 -16.66 -11.61
C TRP A 73 -47.91 -16.05 -10.27
N VAL A 74 -48.37 -14.81 -10.03
CA VAL A 74 -47.98 -14.09 -8.84
C VAL A 74 -49.23 -13.59 -8.12
N GLU A 75 -49.31 -13.88 -6.81
CA GLU A 75 -50.42 -13.41 -5.96
C GLU A 75 -49.83 -12.31 -5.10
N TRP A 76 -50.51 -11.17 -5.02
CA TRP A 76 -49.92 -10.04 -4.36
C TRP A 76 -50.85 -8.96 -3.88
N THR A 77 -50.29 -8.08 -3.03
CA THR A 77 -51.00 -6.92 -2.51
C THR A 77 -50.16 -5.65 -2.73
N LYS A 78 -50.87 -4.51 -2.84
CA LYS A 78 -50.27 -3.20 -2.96
C LYS A 78 -50.89 -2.40 -1.83
N ASN A 79 -50.07 -1.97 -0.90
CA ASN A 79 -50.54 -1.20 0.26
C ASN A 79 -51.65 -1.94 1.01
N GLY A 80 -51.47 -3.25 1.12
CA GLY A 80 -52.39 -4.13 1.80
C GLY A 80 -53.59 -4.55 1.00
N VAL A 81 -53.79 -4.03 -0.22
CA VAL A 81 -55.00 -4.38 -1.00
C VAL A 81 -54.68 -5.45 -2.02
N ALA A 82 -55.43 -6.54 -1.99
CA ALA A 82 -55.23 -7.64 -2.95
C ALA A 82 -55.36 -7.14 -4.37
N GLN A 83 -54.40 -7.50 -5.22
CA GLN A 83 -54.43 -7.15 -6.65
C GLN A 83 -54.84 -8.36 -7.48
N GLU A 84 -55.13 -8.15 -8.76
CA GLU A 84 -55.42 -9.26 -9.67
C GLU A 84 -54.09 -9.99 -9.87
N ASN A 85 -54.16 -11.32 -9.95
CA ASN A 85 -52.95 -12.13 -10.14
C ASN A 85 -52.24 -11.76 -11.46
N VAL A 86 -50.91 -11.79 -11.46
CA VAL A 86 -50.12 -11.51 -12.65
C VAL A 86 -49.65 -12.86 -13.21
N THR A 87 -49.88 -13.10 -14.49
CA THR A 87 -49.44 -14.35 -15.12
C THR A 87 -48.04 -14.20 -15.70
N ALA A 88 -47.15 -15.16 -15.41
CA ALA A 88 -45.80 -15.14 -15.92
C ALA A 88 -45.77 -15.72 -17.31
N ALA A 89 -44.84 -15.20 -18.10
CA ALA A 89 -44.66 -15.64 -19.45
C ALA A 89 -43.36 -16.46 -19.59
N TYR A 90 -43.43 -17.54 -20.38
CA TYR A 90 -42.26 -18.39 -20.67
C TYR A 90 -41.13 -17.50 -21.16
N ASP A 91 -39.91 -17.74 -20.68
CA ASP A 91 -38.73 -16.98 -21.08
C ASP A 91 -37.80 -17.93 -21.86
N TYR A 92 -37.16 -18.89 -21.18
CA TYR A 92 -36.29 -19.87 -21.86
C TYR A 92 -36.14 -21.11 -20.99
N ASN A 93 -35.68 -22.21 -21.59
CA ASN A 93 -35.35 -23.42 -20.88
C ASN A 93 -33.82 -23.60 -20.75
N SER A 94 -33.37 -24.11 -19.62
CA SER A 94 -31.96 -24.44 -19.46
C SER A 94 -31.81 -25.56 -18.43
N GLY A 95 -31.16 -26.64 -18.85
CA GLY A 95 -30.98 -27.81 -18.01
C GLY A 95 -32.30 -28.53 -17.73
N ASN A 96 -32.60 -28.71 -16.44
CA ASN A 96 -33.85 -29.34 -15.96
C ASN A 96 -34.96 -28.29 -15.70
N ASN A 97 -34.73 -27.03 -16.08
CA ASN A 97 -35.60 -25.95 -15.68
C ASN A 97 -36.16 -25.04 -16.77
N THR A 98 -37.36 -24.52 -16.48
CA THR A 98 -37.99 -23.51 -17.30
C THR A 98 -37.88 -22.18 -16.56
N TYR A 99 -37.56 -21.11 -17.29
CA TYR A 99 -37.50 -19.77 -16.72
C TYR A 99 -38.64 -18.91 -17.29
N TRP A 100 -39.24 -18.14 -16.37
CA TRP A 100 -40.40 -17.31 -16.64
C TRP A 100 -40.23 -15.88 -16.15
N LYS A 101 -40.93 -14.94 -16.80
CA LYS A 101 -40.92 -13.53 -16.34
C LYS A 101 -42.34 -13.04 -16.05
N ALA A 102 -42.54 -12.49 -14.87
CA ALA A 102 -43.80 -11.87 -14.44
C ALA A 102 -43.54 -10.38 -14.32
N ASP A 103 -44.37 -9.58 -14.96
CA ASP A 103 -44.21 -8.13 -14.96
C ASP A 103 -45.23 -7.50 -13.99
N LEU A 104 -44.74 -6.96 -12.88
CA LEU A 104 -45.64 -6.28 -11.91
C LEU A 104 -45.96 -4.84 -12.26
N GLY A 105 -45.27 -4.29 -13.27
CA GLY A 105 -45.47 -2.90 -13.64
C GLY A 105 -44.62 -1.98 -12.79
N LYS A 106 -44.99 -0.71 -12.81
CA LYS A 106 -44.32 0.36 -12.11
C LYS A 106 -45.13 0.79 -10.90
N PHE A 107 -44.45 1.42 -9.96
CA PHE A 107 -45.03 1.83 -8.69
C PHE A 107 -44.62 3.23 -8.32
N GLU A 108 -45.31 3.78 -7.33
CA GLU A 108 -45.04 5.13 -6.84
C GLU A 108 -44.35 5.10 -5.49
N LYS A 109 -43.65 6.18 -5.18
CA LYS A 109 -42.99 6.34 -3.90
C LYS A 109 -44.00 6.07 -2.79
N GLY A 110 -43.62 5.22 -1.84
CA GLY A 110 -44.46 4.88 -0.70
C GLY A 110 -45.18 3.55 -0.84
N ASP A 111 -45.28 3.04 -2.06
CA ASP A 111 -46.00 1.78 -2.27
C ASP A 111 -45.31 0.61 -1.58
N GLU A 112 -46.09 -0.22 -0.89
CA GLU A 112 -45.57 -1.40 -0.22
C GLU A 112 -46.16 -2.60 -0.96
N ILE A 113 -45.28 -3.36 -1.61
CA ILE A 113 -45.69 -4.49 -2.43
C ILE A 113 -45.28 -5.79 -1.78
N THR A 114 -46.22 -6.71 -1.60
CA THR A 114 -45.95 -8.02 -1.03
C THR A 114 -46.45 -9.09 -2.02
N TYR A 115 -45.61 -10.05 -2.36
CA TYR A 115 -46.00 -11.03 -3.34
C TYR A 115 -45.49 -12.42 -3.01
N THR A 116 -46.16 -13.41 -3.61
CA THR A 116 -45.82 -14.82 -3.53
C THR A 116 -45.85 -15.33 -4.97
N THR A 117 -44.80 -16.02 -5.42
CA THR A 117 -44.75 -16.57 -6.75
C THR A 117 -45.20 -18.03 -6.68
N LYS A 118 -45.92 -18.50 -7.68
CA LYS A 118 -46.48 -19.86 -7.68
C LYS A 118 -46.35 -20.55 -9.03
N GLY A 119 -46.17 -21.87 -8.98
CA GLY A 119 -46.15 -22.69 -10.20
C GLY A 119 -46.94 -23.97 -10.00
N SER A 120 -47.57 -24.45 -11.06
N SER A 120 -47.64 -24.42 -11.03
CA SER A 120 -48.37 -25.66 -11.01
CA SER A 120 -48.39 -25.68 -10.97
C SER A 120 -48.35 -26.30 -12.38
C SER A 120 -48.46 -26.27 -12.36
N THR A 121 -48.75 -27.57 -12.43
CA THR A 121 -48.84 -28.29 -13.69
C THR A 121 -50.26 -28.87 -13.76
N ASN A 122 -50.97 -28.59 -14.85
CA ASN A 122 -52.35 -29.09 -15.05
C ASN A 122 -53.27 -28.87 -13.87
N GLY A 123 -53.21 -27.69 -13.28
CA GLY A 123 -54.03 -27.35 -12.14
C GLY A 123 -53.79 -28.16 -10.87
N GLY A 124 -52.66 -28.86 -10.78
CA GLY A 124 -52.35 -29.66 -9.59
C GLY A 124 -51.70 -28.84 -8.46
N THR A 125 -50.85 -29.53 -7.69
CA THR A 125 -50.11 -28.98 -6.54
C THR A 125 -49.36 -27.69 -6.89
N ALA A 126 -49.66 -26.61 -6.18
CA ALA A 126 -48.99 -25.36 -6.44
C ALA A 126 -47.77 -25.28 -5.55
N TYR A 127 -46.61 -25.05 -6.15
CA TYR A 127 -45.35 -24.83 -5.42
C TYR A 127 -45.16 -23.33 -5.32
N GLU A 128 -44.61 -22.82 -4.23
CA GLU A 128 -44.58 -21.37 -4.10
C GLU A 128 -43.32 -20.84 -3.43
N SER A 129 -43.01 -19.58 -3.67
CA SER A 129 -41.90 -18.87 -2.98
C SER A 129 -42.45 -17.58 -2.43
N GLY A 130 -42.02 -17.17 -1.25
CA GLY A 130 -42.50 -15.92 -0.65
C GLY A 130 -43.17 -16.17 0.68
N PRO A 131 -43.87 -15.15 1.21
CA PRO A 131 -44.05 -13.82 0.66
C PRO A 131 -42.79 -12.98 0.72
N PHE A 132 -42.67 -12.07 -0.24
CA PHE A 132 -41.57 -11.13 -0.29
C PHE A 132 -42.17 -9.75 -0.34
N THR A 133 -41.51 -8.79 0.32
CA THR A 133 -42.02 -7.41 0.38
C THR A 133 -40.95 -6.42 -0.05
N PHE A 134 -41.38 -5.41 -0.82
CA PHE A 134 -40.47 -4.29 -1.14
C PHE A 134 -41.21 -2.99 -0.96
N TYR A 135 -40.46 -1.96 -0.59
CA TYR A 135 -41.00 -0.64 -0.34
C TYR A 135 -40.39 0.29 -1.38
N VAL A 136 -41.25 0.89 -2.20
CA VAL A 136 -40.82 1.75 -3.32
C VAL A 136 -40.36 3.11 -2.85
N THR A 137 -39.17 3.49 -3.32
CA THR A 137 -38.50 4.70 -2.86
C THR A 137 -38.29 5.80 -3.91
N ASP A 138 -37.90 6.97 -3.43
CA ASP A 138 -37.45 8.03 -4.32
C ASP A 138 -36.56 8.94 -3.47
N TRP A 139 -35.74 9.74 -4.14
CA TRP A 139 -34.82 10.62 -3.47
C TRP A 139 -35.42 11.88 -2.84
N GLU A 140 -34.93 12.24 -1.66
CA GLU A 140 -35.28 13.49 -0.99
C GLU A 140 -33.93 14.13 -0.72
N TYR A 141 -33.85 15.45 -0.80
CA TYR A 141 -32.59 16.17 -0.58
C TYR A 141 -32.74 17.32 0.41
N VAL A 142 -31.62 17.75 0.98
CA VAL A 142 -31.64 18.89 1.87
C VAL A 142 -31.98 20.10 1.03
N GLN A 143 -32.84 20.97 1.58
CA GLN A 143 -33.18 22.21 0.89
C GLN A 143 -32.43 23.38 1.53
N ASP A 144 -32.93 23.90 2.65
CA ASP A 144 -32.31 25.04 3.33
C ASP A 144 -32.01 24.73 4.77
N VAL A 145 -31.13 25.52 5.37
CA VAL A 145 -30.86 25.49 6.80
C VAL A 145 -31.85 26.50 7.41
N THR A 146 -32.70 26.06 8.34
CA THR A 146 -33.66 26.97 8.96
C THR A 146 -33.18 27.56 10.29
N SER A 147 -32.31 26.84 10.99
CA SER A 147 -31.73 27.34 12.24
C SER A 147 -30.46 26.55 12.55
N VAL A 148 -29.57 27.20 13.32
CA VAL A 148 -28.32 26.65 13.73
C VAL A 148 -28.21 26.71 15.24
N VAL A 149 -27.90 25.57 15.87
CA VAL A 149 -27.70 25.50 17.32
C VAL A 149 -26.28 25.02 17.61
N ASP A 150 -25.52 25.87 18.31
CA ASP A 150 -24.17 25.57 18.70
C ASP A 150 -24.18 25.09 20.15
N ASN A 151 -23.88 23.80 20.28
CA ASN A 151 -23.86 23.11 21.55
C ASN A 151 -22.48 23.05 22.19
N GLY A 152 -21.49 23.75 21.63
CA GLY A 152 -20.17 23.81 22.28
C GLY A 152 -19.18 22.74 21.85
N ASP A 153 -19.69 21.51 21.68
CA ASP A 153 -18.90 20.36 21.20
C ASP A 153 -19.49 19.74 19.92
N SER A 154 -20.48 20.41 19.37
CA SER A 154 -21.22 19.96 18.22
C SER A 154 -22.12 21.10 17.75
N ILE A 155 -22.36 21.16 16.46
CA ILE A 155 -23.27 22.14 15.85
C ILE A 155 -24.39 21.40 15.15
N THR A 156 -25.62 21.78 15.44
CA THR A 156 -26.77 21.21 14.77
C THR A 156 -27.28 22.20 13.73
N LEU A 157 -27.43 21.72 12.49
CA LEU A 157 -28.06 22.52 11.43
C LEU A 157 -29.46 21.90 11.22
N ASN A 158 -30.52 22.62 11.55
CA ASN A 158 -31.90 22.15 11.34
C ASN A 158 -32.22 22.49 9.92
N THR A 160 -34.67 21.88 6.02
CA THR A 160 -35.92 21.56 5.32
C THR A 160 -35.48 20.57 4.21
N ALA A 161 -36.47 19.89 3.64
CA ALA A 161 -36.23 18.90 2.59
C ALA A 161 -36.94 19.32 1.29
N THR A 162 -36.45 18.83 0.16
CA THR A 162 -37.02 19.11 -1.14
C THR A 162 -38.33 18.40 -1.38
N ALA A 163 -38.58 17.33 -0.63
CA ALA A 163 -39.80 16.53 -0.77
C ALA A 163 -39.97 15.74 0.51
N GLY A 164 -41.16 15.19 0.71
CA GLY A 164 -41.46 14.39 1.88
C GLY A 164 -41.77 15.21 3.12
N ASP A 165 -42.04 14.53 4.23
CA ASP A 165 -42.43 15.20 5.49
C ASP A 165 -41.38 15.14 6.63
N PHE A 166 -40.13 14.82 6.30
CA PHE A 166 -39.09 14.77 7.31
C PHE A 166 -38.56 16.16 7.69
N SER A 167 -37.94 16.25 8.86
N SER A 167 -37.93 16.24 8.86
CA SER A 167 -37.27 17.48 9.32
CA SER A 167 -37.28 17.46 9.35
C SER A 167 -35.84 17.08 9.62
C SER A 167 -35.84 17.07 9.62
N PRO A 168 -34.99 17.07 8.59
CA PRO A 168 -33.62 16.61 8.77
C PRO A 168 -32.74 17.49 9.61
N LYS A 169 -31.70 16.86 10.15
CA LYS A 169 -30.69 17.54 10.92
C LYS A 169 -29.33 17.04 10.51
N LEU A 170 -28.42 17.96 10.28
CA LEU A 170 -27.03 17.64 9.96
C LEU A 170 -26.22 18.14 11.14
N TYR A 171 -25.39 17.26 11.71
CA TYR A 171 -24.55 17.58 12.84
C TYR A 171 -23.10 17.66 12.42
N LEU A 172 -22.44 18.72 12.85
CA LEU A 172 -21.04 18.92 12.55
C LEU A 172 -20.26 18.83 13.86
N SER A 173 -19.11 18.19 13.81
CA SER A 173 -18.23 18.07 14.99
C SER A 173 -16.80 17.92 14.49
N PHE A 174 -15.86 18.11 15.41
CA PHE A 174 -14.43 18.03 15.07
C PHE A 174 -13.73 16.89 15.78
N GLU A 175 -13.25 15.93 14.99
CA GLU A 175 -12.48 14.83 15.52
C GLU A 175 -11.17 15.46 15.96
N ASP A 176 -10.76 16.50 15.22
CA ASP A 176 -9.65 17.34 15.65
C ASP A 176 -9.90 18.63 14.89
N LEU A 177 -9.09 19.63 15.18
CA LEU A 177 -9.31 20.95 14.59
C LEU A 177 -9.17 20.96 13.08
N ASP A 178 -8.51 19.93 12.52
CA ASP A 178 -8.33 19.82 11.09
C ASP A 178 -9.06 18.64 10.46
N THR A 179 -9.99 18.05 11.21
CA THR A 179 -10.72 16.87 10.75
C THR A 179 -12.18 17.04 11.16
N LEU A 180 -13.01 17.33 10.14
CA LEU A 180 -14.41 17.63 10.29
C LEU A 180 -15.29 16.43 10.04
N ARG A 181 -16.23 16.22 10.94
CA ARG A 181 -17.20 15.13 10.84
C ARG A 181 -18.60 15.66 10.59
N GLU A 183 -22.59 14.31 10.35
CA GLU A 183 -23.53 13.22 10.61
C GLU A 183 -24.95 13.69 10.23
N LEU A 184 -25.58 13.00 9.29
CA LEU A 184 -26.92 13.37 8.83
C LEU A 184 -28.01 12.41 9.29
N SER A 185 -29.05 12.98 9.92
CA SER A 185 -30.24 12.27 10.36
C SER A 185 -31.41 12.82 9.55
N PRO A 186 -31.82 12.09 8.50
CA PRO A 186 -32.89 12.60 7.66
C PRO A 186 -34.20 12.91 8.37
N THR A 187 -34.56 12.11 9.35
CA THR A 187 -35.79 12.31 10.10
C THR A 187 -35.57 13.24 11.26
N GLY A 188 -34.31 13.54 11.56
CA GLY A 188 -34.01 14.41 12.69
C GLY A 188 -34.13 13.73 14.05
N LYS A 189 -34.48 12.45 14.09
CA LYS A 189 -34.64 11.71 15.34
C LYS A 189 -33.34 11.22 15.99
N GLU A 190 -32.23 11.17 15.25
CA GLU A 190 -30.94 10.75 15.82
C GLU A 190 -30.11 11.98 16.12
N THR A 191 -29.14 11.84 17.04
CA THR A 191 -28.24 12.93 17.38
C THR A 191 -26.80 12.58 17.04
N GLY A 192 -26.04 13.58 16.62
CA GLY A 192 -24.62 13.41 16.30
C GLY A 192 -23.78 13.28 17.56
N HIS A 193 -22.50 12.96 17.36
CA HIS A 193 -21.54 12.76 18.42
C HIS A 193 -20.77 14.02 18.76
N ALA A 194 -20.35 14.13 20.02
CA ALA A 194 -19.56 15.27 20.43
C ALA A 194 -18.17 15.18 19.79
N GLY A 195 -17.53 16.33 19.63
CA GLY A 195 -16.16 16.44 19.15
C GLY A 195 -15.44 17.49 19.97
N LYS A 196 -14.32 17.99 19.46
CA LYS A 196 -13.54 19.05 20.14
C LYS A 196 -14.32 20.37 20.20
N SER A 197 -13.97 21.21 21.17
N SER A 197 -13.97 21.21 21.19
CA SER A 197 -14.64 22.51 21.34
CA SER A 197 -14.62 22.51 21.37
C SER A 197 -13.83 23.71 20.86
C SER A 197 -13.83 23.72 20.87
N GLY A 198 -12.64 23.51 20.33
CA GLY A 198 -11.81 24.66 19.85
C GLY A 198 -12.25 25.34 18.56
N TYR A 199 -13.53 25.71 18.44
CA TYR A 199 -14.04 26.35 17.21
C TYR A 199 -14.88 27.56 17.57
N THR A 200 -15.07 28.45 16.61
CA THR A 200 -15.93 29.59 16.81
C THR A 200 -16.91 29.59 15.66
N VAL A 201 -18.03 30.26 15.87
CA VAL A 201 -19.07 30.33 14.86
C VAL A 201 -19.54 31.76 14.56
N GLU A 202 -19.72 32.06 13.27
N GLU A 202 -19.68 32.06 13.27
CA GLU A 202 -20.29 33.33 12.84
CA GLU A 202 -20.28 33.32 12.81
C GLU A 202 -21.57 32.96 12.10
C GLU A 202 -21.57 32.90 12.10
N ASP A 203 -22.69 33.10 12.79
CA ASP A 203 -24.01 32.73 12.26
C ASP A 203 -24.79 33.98 11.86
N THR A 204 -25.15 34.08 10.57
CA THR A 204 -25.93 35.20 10.05
C THR A 204 -27.17 34.67 9.34
N ALA A 205 -28.04 35.57 8.90
CA ALA A 205 -29.28 35.14 8.26
C ALA A 205 -29.07 34.30 7.00
N GLU A 206 -28.02 34.60 6.24
CA GLU A 206 -27.77 33.91 4.96
C GLU A 206 -26.69 32.83 5.00
N LYS A 207 -25.84 32.85 6.05
CA LYS A 207 -24.68 31.98 6.12
C LYS A 207 -24.17 31.74 7.54
N VAL A 208 -23.59 30.55 7.72
CA VAL A 208 -22.90 30.19 8.96
C VAL A 208 -21.48 29.75 8.61
N THR A 209 -20.50 30.37 9.26
CA THR A 209 -19.07 30.04 9.09
C THR A 209 -18.53 29.50 10.41
N VAL A 210 -17.95 28.29 10.35
CA VAL A 210 -17.37 27.59 11.51
C VAL A 210 -15.88 27.59 11.29
N THR A 211 -15.16 28.13 12.27
CA THR A 211 -13.73 28.31 12.18
C THR A 211 -12.92 27.67 13.30
N THR A 212 -11.81 27.04 12.90
CA THR A 212 -10.78 26.54 13.84
C THR A 212 -9.44 27.11 13.35
N GLU A 213 -8.37 26.92 14.09
CA GLU A 213 -7.09 27.42 13.63
C GLU A 213 -6.63 26.72 12.34
N ASP A 214 -7.28 25.64 11.93
CA ASP A 214 -6.88 24.90 10.73
C ASP A 214 -7.91 24.86 9.60
N LEU A 215 -9.16 25.20 9.91
CA LEU A 215 -10.22 25.11 8.93
C LEU A 215 -11.22 26.28 9.02
N SER A 216 -11.81 26.57 7.86
CA SER A 216 -12.88 27.54 7.72
C SER A 216 -13.96 26.86 6.90
N ILE A 217 -15.09 26.60 7.54
CA ILE A 217 -16.23 25.91 6.92
C ILE A 217 -17.30 26.95 6.64
N GLU A 218 -17.61 27.17 5.36
CA GLU A 218 -18.61 28.16 4.95
C GLU A 218 -19.86 27.45 4.49
N ILE A 219 -20.98 27.75 5.15
CA ILE A 219 -22.24 27.10 4.83
C ILE A 219 -23.31 28.11 4.47
N GLN A 220 -23.72 28.12 3.21
CA GLN A 220 -24.82 28.97 2.74
C GLN A 220 -26.08 28.30 3.23
N LYS A 221 -27.03 29.09 3.72
CA LYS A 221 -28.25 28.52 4.29
C LYS A 221 -29.36 28.30 3.29
N SER A 222 -29.48 29.16 2.28
CA SER A 222 -30.59 29.07 1.34
C SER A 222 -30.23 29.25 -0.14
N PRO A 223 -30.02 28.15 -0.88
CA PRO A 223 -30.07 26.76 -0.43
C PRO A 223 -28.83 26.36 0.37
N TYR A 224 -28.99 25.32 1.19
CA TYR A 224 -27.87 24.78 1.94
C TYR A 224 -26.72 24.37 1.00
N ARG A 225 -25.51 24.81 1.32
CA ARG A 225 -24.35 24.41 0.55
C ARG A 225 -23.05 24.69 1.34
N GLU A 227 -18.84 24.62 1.82
CA GLU A 227 -17.47 24.66 1.31
C GLU A 227 -16.56 24.49 2.51
N VAL A 228 -15.53 23.66 2.32
CA VAL A 228 -14.49 23.47 3.32
C VAL A 228 -13.19 24.11 2.84
N HIS A 229 -12.70 25.06 3.60
CA HIS A 229 -11.46 25.77 3.28
C HIS A 229 -10.43 25.59 4.38
N GLN A 230 -9.17 25.81 4.02
CA GLN A 230 -8.12 25.81 5.02
C GLN A 230 -8.33 27.14 5.74
N ALA A 231 -7.72 27.30 6.91
CA ALA A 231 -7.83 28.54 7.68
C ALA A 231 -7.52 29.78 6.84
N ASP A 232 -6.47 29.73 6.03
CA ASP A 232 -6.12 30.87 5.16
C ASP A 232 -7.10 31.10 3.98
N GLY A 233 -8.12 30.27 3.82
CA GLY A 233 -9.10 30.50 2.75
C GLY A 233 -9.04 29.59 1.54
N THR A 234 -7.92 28.88 1.35
CA THR A 234 -7.74 27.97 0.24
C THR A 234 -8.83 26.91 0.24
N LEU A 235 -9.48 26.74 -0.90
CA LEU A 235 -10.60 25.78 -0.97
C LEU A 235 -10.11 24.35 -0.99
N LEU A 236 -10.68 23.52 -0.14
CA LEU A 236 -10.38 22.09 -0.16
C LEU A 236 -11.42 21.37 -0.99
N THR A 237 -12.68 21.49 -0.65
N THR A 237 -12.61 21.34 -0.37
CA THR A 237 -13.69 20.95 -1.54
CA THR A 237 -13.75 20.53 -0.74
C THR A 237 -14.96 21.72 -1.31
C THR A 237 -15.02 21.38 -0.77
N SER A 238 -15.97 21.46 -2.13
N SER A 238 -15.89 21.17 -1.76
CA SER A 238 -17.25 22.09 -1.94
CA SER A 238 -17.16 21.91 -1.81
C SER A 238 -18.34 21.29 -2.59
C SER A 238 -18.29 21.14 -2.49
N GLU A 239 -19.50 21.33 -1.95
CA GLU A 239 -20.68 20.65 -2.46
C GLU A 239 -21.02 21.23 -3.83
N TYR A 240 -21.63 20.39 -4.66
CA TYR A 240 -21.91 20.76 -6.03
C TYR A 240 -22.73 22.06 -6.09
N THR A 241 -22.33 22.85 -7.07
CA THR A 241 -22.76 24.21 -7.35
C THR A 241 -24.25 24.46 -7.29
N THR A 242 -25.03 23.54 -7.86
CA THR A 242 -26.47 23.68 -7.88
C THR A 242 -27.15 23.33 -6.54
N ALA A 243 -26.37 22.99 -5.50
CA ALA A 243 -26.91 22.65 -4.16
C ALA A 243 -27.91 21.44 -4.19
N ASN A 244 -28.76 21.27 -3.17
CA ASN A 244 -29.60 20.04 -3.04
C ASN A 244 -28.70 18.80 -3.31
N SER A 245 -27.46 18.90 -2.85
CA SER A 245 -26.44 17.90 -3.14
C SER A 245 -26.54 16.69 -2.22
N LEU A 246 -27.03 16.92 -1.01
CA LEU A 246 -27.10 15.91 0.04
C LEU A 246 -28.50 15.28 0.09
N GLY A 247 -28.58 13.96 -0.02
CA GLY A 247 -29.88 13.29 -0.06
C GLY A 247 -29.95 11.87 0.43
N TRP A 248 -31.18 11.39 0.53
CA TRP A 248 -31.45 10.04 1.00
C TRP A 248 -32.61 9.42 0.19
N LEU A 249 -32.58 8.10 0.04
CA LEU A 249 -33.54 7.35 -0.78
C LEU A 249 -34.50 6.68 0.17
N THR A 250 -35.75 7.10 0.14
CA THR A 250 -36.72 6.65 1.09
C THR A 250 -38.11 6.42 0.53
N ASP A 251 -38.89 5.61 1.25
CA ASP A 251 -40.28 5.40 0.88
C ASP A 251 -41.16 6.43 1.55
N GLY A 252 -40.55 7.28 2.38
CA GLY A 252 -41.23 8.32 3.12
C GLY A 252 -41.88 7.84 4.41
N LYS A 253 -41.66 6.59 4.75
CA LYS A 253 -42.28 6.00 5.94
C LYS A 253 -41.13 5.48 6.80
N ASN A 254 -40.91 4.16 6.81
CA ASN A 254 -39.84 3.54 7.63
C ASN A 254 -38.61 2.91 6.91
N VAL A 255 -38.36 3.28 5.66
N VAL A 255 -38.36 3.31 5.66
CA VAL A 255 -37.21 2.74 4.93
CA VAL A 255 -37.24 2.75 4.91
C VAL A 255 -36.31 3.83 4.36
C VAL A 255 -36.31 3.84 4.36
N ILE A 256 -35.01 3.75 4.67
CA ILE A 256 -33.99 4.62 4.08
C ILE A 256 -32.96 3.60 3.50
N ASN A 257 -32.90 3.53 2.17
CA ASN A 257 -32.05 2.55 1.47
C ASN A 257 -30.70 3.02 0.91
N GLN A 258 -30.53 4.33 0.75
CA GLN A 258 -29.26 4.87 0.23
C GLN A 258 -29.11 6.31 0.67
N TYR A 259 -27.86 6.76 0.64
CA TYR A 259 -27.51 8.15 0.88
C TYR A 259 -26.62 8.62 -0.24
N GLN A 260 -26.62 9.92 -0.48
CA GLN A 260 -25.65 10.49 -1.42
C GLN A 260 -25.25 11.90 -1.08
N ASN A 261 -24.06 12.28 -1.55
CA ASN A 261 -23.65 13.70 -1.56
C ASN A 261 -22.85 13.88 -2.86
N ASN A 262 -22.81 15.13 -3.35
CA ASN A 262 -22.21 15.50 -4.59
C ASN A 262 -21.36 16.75 -4.43
N PHE A 263 -20.18 16.74 -5.05
CA PHE A 263 -19.20 17.79 -4.88
C PHE A 263 -18.65 18.29 -6.20
N THR A 265 -15.59 19.47 -8.60
CA THR A 265 -14.18 19.11 -8.74
C THR A 265 -13.59 19.70 -10.04
N PRO A 266 -12.48 20.42 -9.92
CA PRO A 266 -11.86 21.01 -11.11
C PRO A 266 -11.21 19.90 -11.97
N SER A 267 -10.96 20.19 -13.25
N SER A 267 -10.97 20.21 -13.25
CA SER A 267 -10.48 19.18 -14.18
CA SER A 267 -10.45 19.23 -14.20
C SER A 267 -9.11 18.58 -13.91
C SER A 267 -9.18 18.52 -13.78
N ASP A 268 -8.31 19.22 -13.07
CA ASP A 268 -6.99 18.71 -12.71
C ASP A 268 -6.91 17.87 -11.41
N GLU A 269 -8.00 17.77 -10.67
CA GLU A 269 -7.98 17.07 -9.40
C GLU A 269 -7.80 15.54 -9.56
N ALA A 270 -6.83 15.01 -8.82
CA ALA A 270 -6.49 13.60 -8.82
C ALA A 270 -7.02 12.96 -7.50
N PHE A 271 -7.49 11.73 -7.61
CA PHE A 271 -8.08 10.98 -6.47
C PHE A 271 -7.35 9.66 -6.24
N TYR A 272 -6.77 9.54 -5.06
CA TYR A 272 -5.93 8.39 -4.74
C TYR A 272 -6.52 7.53 -3.61
N GLY A 273 -6.11 6.28 -3.56
CA GLY A 273 -6.50 5.39 -2.49
C GLY A 273 -7.64 4.46 -2.85
N PHE A 274 -8.73 4.54 -2.08
CA PHE A 274 -9.91 3.65 -2.19
C PHE A 274 -9.61 2.20 -1.85
N GLY A 275 -8.58 2.00 -1.03
CA GLY A 275 -8.09 0.69 -0.68
C GLY A 275 -7.00 0.27 -1.62
N GLU A 276 -7.03 -0.99 -2.03
CA GLU A 276 -6.00 -1.55 -2.89
C GLU A 276 -6.59 -1.70 -4.29
N ARG A 277 -6.05 -0.94 -5.24
CA ARG A 277 -6.59 -0.86 -6.58
C ARG A 277 -5.53 -1.26 -7.60
N TYR A 278 -5.93 -2.08 -8.57
CA TYR A 278 -5.00 -2.66 -9.55
C TYR A 278 -4.98 -2.03 -10.92
N ASP A 279 -6.01 -1.25 -11.24
CA ASP A 279 -6.20 -0.65 -12.55
C ASP A 279 -5.47 0.67 -12.78
N THR A 280 -5.48 1.53 -11.77
CA THR A 280 -4.87 2.85 -11.83
C THR A 280 -4.66 3.41 -10.42
N ILE A 281 -3.66 4.28 -10.24
CA ILE A 281 -3.49 4.95 -8.95
C ILE A 281 -4.36 6.21 -8.83
N ASN A 282 -4.86 6.72 -9.95
CA ASN A 282 -5.68 7.93 -10.00
C ASN A 282 -7.05 7.54 -10.52
N GLN A 283 -8.05 7.56 -9.64
CA GLN A 283 -9.40 7.09 -10.00
C GLN A 283 -10.28 8.11 -10.74
N ARG A 284 -9.75 9.28 -11.05
CA ARG A 284 -10.59 10.24 -11.81
C ARG A 284 -11.09 9.58 -13.10
N GLY A 285 -12.41 9.69 -13.34
CA GLY A 285 -13.07 9.13 -14.52
C GLY A 285 -13.77 7.82 -14.24
N LYS A 286 -13.51 7.21 -13.08
CA LYS A 286 -14.10 5.93 -12.74
C LYS A 286 -15.19 5.93 -11.64
N ASP A 287 -16.09 4.94 -11.73
CA ASP A 287 -17.01 4.59 -10.65
C ASP A 287 -16.26 3.51 -9.86
N VAL A 288 -15.94 3.81 -8.63
CA VAL A 288 -15.16 2.95 -7.76
C VAL A 288 -16.16 2.31 -6.78
N GLU A 289 -16.18 0.98 -6.77
CA GLU A 289 -17.04 0.22 -5.87
C GLU A 289 -16.28 -0.16 -4.59
N THR A 290 -16.80 0.20 -3.42
CA THR A 290 -16.21 -0.25 -2.16
C THR A 290 -16.86 -1.61 -1.87
N TYR A 291 -16.25 -2.66 -2.37
CA TYR A 291 -16.82 -4.01 -2.34
C TYR A 291 -15.70 -5.02 -2.44
N VAL A 292 -15.49 -5.79 -1.37
CA VAL A 292 -14.45 -6.81 -1.38
C VAL A 292 -14.87 -7.95 -2.28
N TYR A 293 -13.90 -8.45 -3.02
CA TYR A 293 -14.18 -9.55 -3.94
C TYR A 293 -12.92 -10.37 -4.22
N ASN A 294 -13.10 -11.68 -4.42
CA ASN A 294 -12.00 -12.58 -4.75
C ASN A 294 -11.97 -12.78 -6.25
N GLU A 295 -11.15 -11.96 -6.92
CA GLU A 295 -11.00 -12.04 -8.35
C GLU A 295 -9.59 -12.55 -8.66
N TYR A 296 -9.53 -13.72 -9.26
CA TYR A 296 -8.28 -14.38 -9.59
C TYR A 296 -7.67 -13.86 -10.88
N GLN A 297 -6.44 -13.35 -10.80
CA GLN A 297 -5.63 -12.90 -11.97
C GLN A 297 -5.97 -11.63 -12.72
N ASP A 298 -7.25 -11.28 -12.89
CA ASP A 298 -7.59 -10.11 -13.72
C ASP A 298 -8.25 -8.99 -12.90
N GLN A 299 -7.65 -8.71 -11.76
CA GLN A 299 -8.14 -7.65 -10.90
C GLN A 299 -8.15 -6.31 -11.64
N ALA A 300 -7.07 -6.03 -12.40
CA ALA A 300 -6.92 -4.75 -13.12
C ALA A 300 -8.04 -4.56 -14.18
N GLN A 301 -8.26 -5.60 -14.96
CA GLN A 301 -9.20 -5.55 -16.05
C GLN A 301 -10.66 -5.48 -15.57
N THR A 302 -10.97 -6.16 -14.48
CA THR A 302 -12.32 -6.16 -13.94
C THR A 302 -12.52 -5.03 -12.94
N GLU A 303 -11.44 -4.38 -12.56
CA GLU A 303 -11.47 -3.28 -11.57
C GLU A 303 -12.01 -3.74 -10.22
N ARG A 304 -11.61 -4.95 -9.85
CA ARG A 304 -12.00 -5.56 -8.59
C ARG A 304 -10.82 -5.64 -7.64
N THR A 305 -11.13 -5.85 -6.37
CA THR A 305 -10.14 -5.94 -5.32
C THR A 305 -10.57 -6.72 -4.12
N TYR A 306 -9.59 -7.32 -3.44
CA TYR A 306 -9.83 -8.02 -2.17
C TYR A 306 -9.94 -7.03 -1.00
N LEU A 307 -9.42 -5.83 -1.18
CA LEU A 307 -9.27 -4.89 -0.07
C LEU A 307 -9.76 -3.52 -0.52
N ALA A 308 -10.97 -3.20 -0.06
CA ALA A 308 -11.74 -2.03 -0.48
C ALA A 308 -12.01 -1.13 0.72
N VAL A 309 -11.66 0.14 0.61
CA VAL A 309 -11.76 1.08 1.72
C VAL A 309 -12.44 2.33 1.20
N PRO A 310 -13.49 2.82 1.91
CA PRO A 310 -14.21 4.02 1.45
C PRO A 310 -13.53 5.31 1.91
N PHE A 311 -12.28 5.47 1.51
CA PHE A 311 -11.43 6.60 1.84
C PHE A 311 -10.57 6.97 0.64
N PHE A 312 -10.51 8.25 0.30
CA PHE A 312 -9.62 8.68 -0.77
C PHE A 312 -8.91 9.94 -0.32
N VAL A 313 -7.74 10.15 -0.89
CA VAL A 313 -6.95 11.35 -0.68
C VAL A 313 -6.86 12.06 -2.02
N SER A 314 -7.18 13.36 -1.99
CA SER A 314 -7.09 14.22 -3.14
C SER A 314 -5.81 15.03 -3.08
N ALA A 315 -5.19 15.23 -4.24
CA ALA A 315 -4.01 16.10 -4.33
C ALA A 315 -4.38 17.57 -4.09
N ASN A 316 -5.68 17.87 -3.99
CA ASN A 316 -6.10 19.22 -3.58
C ASN A 316 -6.04 19.39 -2.05
N LYS A 317 -5.39 18.44 -1.39
CA LYS A 317 -5.04 18.50 0.05
C LYS A 317 -6.14 18.22 1.04
N TYR A 318 -6.89 17.17 0.76
CA TYR A 318 -7.85 16.69 1.74
C TYR A 318 -8.09 15.22 1.48
N GLY A 319 -8.65 14.57 2.48
CA GLY A 319 -9.14 13.20 2.35
C GLY A 319 -10.61 13.20 2.69
N TYR A 321 -13.51 10.34 4.05
CA TYR A 321 -13.76 9.02 4.57
C TYR A 321 -15.25 8.90 4.86
N VAL A 322 -15.89 7.95 4.18
CA VAL A 322 -17.31 7.64 4.41
C VAL A 322 -17.33 6.49 5.45
N ASN A 323 -17.75 6.81 6.67
CA ASN A 323 -17.68 5.87 7.78
C ASN A 323 -18.85 4.87 7.81
N SER A 324 -18.74 3.85 6.99
CA SER A 324 -19.74 2.81 6.87
C SER A 324 -19.17 1.57 6.26
N ASP A 325 -19.61 0.42 6.75
CA ASP A 325 -19.20 -0.86 6.14
C ASP A 325 -20.05 -1.26 4.94
N PHE A 326 -21.17 -0.58 4.72
CA PHE A 326 -22.02 -0.86 3.56
C PHE A 326 -21.27 -0.52 2.26
N HIS A 327 -21.64 -1.21 1.19
CA HIS A 327 -21.13 -0.91 -0.12
C HIS A 327 -21.45 0.55 -0.45
N SER A 328 -20.48 1.20 -1.07
CA SER A 328 -20.59 2.56 -1.57
C SER A 328 -20.00 2.59 -2.97
N GLN A 329 -20.53 3.47 -3.81
CA GLN A 329 -19.98 3.75 -5.13
C GLN A 329 -19.48 5.18 -5.16
N PHE A 330 -18.22 5.35 -5.51
CA PHE A 330 -17.61 6.67 -5.64
C PHE A 330 -17.55 6.97 -7.13
N GLN A 331 -18.33 7.95 -7.55
CA GLN A 331 -18.45 8.36 -8.94
C GLN A 331 -17.52 9.56 -9.11
N ALA A 333 -16.00 11.97 -11.16
CA ALA A 333 -16.11 12.68 -12.43
C ALA A 333 -16.37 11.67 -13.55
N SER A 334 -17.15 10.64 -13.23
CA SER A 334 -17.48 9.59 -14.15
C SER A 334 -18.81 9.86 -14.85
N LYS A 335 -19.62 10.75 -14.29
CA LYS A 335 -20.93 11.09 -14.89
C LYS A 335 -20.91 12.48 -15.50
N VAL A 336 -20.44 13.43 -14.73
CA VAL A 336 -20.38 14.81 -15.14
C VAL A 336 -18.94 15.20 -14.88
N GLU A 337 -18.32 15.91 -15.82
CA GLU A 337 -16.88 16.16 -15.75
C GLU A 337 -16.41 16.96 -14.53
N ASP A 338 -17.29 17.78 -13.95
CA ASP A 338 -16.90 18.59 -12.79
C ASP A 338 -17.59 18.17 -11.48
N LYS A 339 -18.08 16.94 -11.44
CA LYS A 339 -18.77 16.46 -10.26
C LYS A 339 -18.26 15.12 -9.79
N TYR A 340 -18.05 14.99 -8.46
CA TYR A 340 -17.80 13.67 -7.88
C TYR A 340 -18.85 13.45 -6.84
N SER A 341 -19.22 12.19 -6.66
CA SER A 341 -20.28 11.84 -5.75
C SER A 341 -20.02 10.52 -5.04
N PHE A 342 -20.67 10.34 -3.89
CA PHE A 342 -20.70 9.03 -3.27
C PHE A 342 -22.16 8.63 -3.09
N VAL A 343 -22.42 7.35 -3.34
CA VAL A 343 -23.74 6.77 -3.13
C VAL A 343 -23.49 5.60 -2.17
N LEU A 344 -24.05 5.68 -0.97
CA LEU A 344 -23.85 4.72 0.11
C LEU A 344 -25.11 3.92 0.34
N ASP A 345 -24.99 2.60 0.29
CA ASP A 345 -26.15 1.75 0.55
C ASP A 345 -26.49 1.72 2.05
N ASN A 346 -27.71 1.31 2.35
CA ASN A 346 -28.18 1.14 3.71
C ASN A 346 -29.13 -0.06 3.71
N ASP A 347 -29.36 -0.66 4.86
CA ASP A 347 -30.21 -1.85 4.96
C ASP A 347 -31.68 -1.53 5.20
N GLY A 348 -32.06 -0.27 5.01
CA GLY A 348 -33.45 0.14 5.25
C GLY A 348 -33.64 0.87 6.56
N ASP A 349 -32.82 0.57 7.56
CA ASP A 349 -32.97 1.10 8.91
C ASP A 349 -32.88 2.62 8.93
N THR A 351 -32.73 4.67 11.20
CA THR A 351 -31.98 5.24 12.31
C THR A 351 -30.48 5.20 12.06
N ASN A 352 -30.04 4.62 10.93
CA ASN A 352 -28.61 4.64 10.57
C ASN A 352 -28.27 5.97 9.90
N LEU A 354 -25.95 8.93 8.09
CA LEU A 354 -24.82 9.07 7.18
C LEU A 354 -23.75 9.76 8.02
N ASP A 355 -22.51 9.28 7.90
CA ASP A 355 -21.40 9.69 8.72
C ASP A 355 -20.15 9.72 7.87
N TYR A 356 -19.61 10.91 7.64
CA TYR A 356 -18.42 11.02 6.85
C TYR A 356 -17.57 12.17 7.33
N TYR A 357 -16.30 12.09 6.96
CA TYR A 357 -15.31 13.06 7.38
C TYR A 357 -14.60 13.70 6.19
N VAL A 358 -14.29 14.98 6.37
CA VAL A 358 -13.45 15.72 5.46
C VAL A 358 -12.20 15.97 6.30
N ILE A 359 -11.08 15.43 5.83
CA ILE A 359 -9.82 15.39 6.59
C ILE A 359 -8.75 16.28 6.00
N SER A 360 -8.31 17.25 6.80
CA SER A 360 -7.19 18.11 6.41
C SER A 360 -5.97 17.67 7.24
N GLY A 361 -4.87 18.41 7.19
CA GLY A 361 -3.64 18.01 7.89
C GLY A 361 -2.46 18.87 7.45
N LYS A 362 -1.31 18.67 8.07
CA LYS A 362 -0.13 19.50 7.74
C LYS A 362 0.42 19.16 6.35
N ASP A 363 0.14 17.94 5.90
CA ASP A 363 0.62 17.48 4.59
C ASP A 363 -0.17 16.26 4.23
N GLN A 364 0.10 15.65 3.07
CA GLN A 364 -0.73 14.52 2.63
C GLN A 364 -0.60 13.31 3.53
N ASN A 365 0.61 13.07 4.05
CA ASN A 365 0.85 11.95 4.95
C ASN A 365 0.15 12.17 6.31
N ASP A 366 0.10 13.41 6.74
CA ASP A 366 -0.65 13.80 7.96
C ASP A 366 -2.16 13.54 7.81
N ILE A 367 -2.69 13.69 6.58
N ILE A 367 -2.69 13.69 6.59
CA ILE A 367 -4.08 13.36 6.26
CA ILE A 367 -4.10 13.41 6.31
C ILE A 367 -4.29 11.90 6.58
C ILE A 367 -4.32 11.90 6.52
N VAL A 368 -3.38 11.06 6.06
CA VAL A 368 -3.47 9.61 6.28
C VAL A 368 -3.36 9.30 7.80
N ASN A 369 -2.45 9.96 8.49
CA ASN A 369 -2.37 9.80 9.95
C ASN A 369 -3.71 10.12 10.64
N ASN A 370 -4.36 11.22 10.23
CA ASN A 370 -5.66 11.61 10.80
C ASN A 370 -6.72 10.55 10.51
N TYR A 371 -6.67 9.95 9.32
CA TYR A 371 -7.56 8.86 8.95
C TYR A 371 -7.32 7.65 9.87
N THR A 372 -6.06 7.34 10.17
CA THR A 372 -5.75 6.24 11.05
C THR A 372 -6.11 6.54 12.52
N ASP A 373 -6.22 7.82 12.90
CA ASP A 373 -6.76 8.16 14.22
C ASP A 373 -8.20 7.69 14.31
N ILE A 374 -8.91 7.71 13.20
CA ILE A 374 -10.30 7.33 13.21
C ILE A 374 -10.49 5.84 13.10
N THR A 375 -9.73 5.19 12.21
CA THR A 375 -9.97 3.79 11.92
C THR A 375 -8.93 2.81 12.50
N GLY A 376 -7.85 3.33 13.10
CA GLY A 376 -6.83 2.48 13.73
C GLY A 376 -5.44 2.62 13.17
N LYS A 377 -4.46 2.62 14.06
CA LYS A 377 -3.07 2.71 13.63
C LYS A 377 -2.55 1.35 13.20
N THR A 378 -1.63 1.37 12.26
CA THR A 378 -0.86 0.20 11.94
C THR A 378 -0.17 -0.26 13.23
N THR A 379 -0.25 -1.56 13.51
CA THR A 379 0.42 -2.19 14.66
C THR A 379 1.85 -2.54 14.23
N LEU A 380 2.84 -1.96 14.91
CA LEU A 380 4.26 -2.27 14.61
C LEU A 380 4.48 -3.78 14.69
N LEU A 381 5.08 -4.35 13.65
CA LEU A 381 5.39 -5.76 13.62
C LEU A 381 6.86 -5.94 14.03
N PRO A 382 7.21 -7.14 14.51
CA PRO A 382 8.62 -7.43 14.82
C PRO A 382 9.49 -7.31 13.58
N LYS A 383 10.77 -7.08 13.79
CA LYS A 383 11.68 -6.84 12.69
C LYS A 383 11.80 -8.01 11.72
N TRP A 384 11.60 -9.24 12.19
CA TRP A 384 11.71 -10.40 11.30
C TRP A 384 10.75 -10.31 10.11
N ALA A 385 9.63 -9.60 10.29
CA ALA A 385 8.64 -9.44 9.23
C ALA A 385 9.20 -8.68 8.03
N PHE A 386 10.29 -7.93 8.22
CA PHE A 386 10.83 -7.09 7.19
C PHE A 386 12.03 -7.66 6.44
N GLY A 387 12.34 -8.91 6.72
CA GLY A 387 13.35 -9.65 5.94
C GLY A 387 12.62 -10.45 4.85
N LEU A 388 13.32 -11.34 4.15
CA LEU A 388 12.71 -12.10 3.08
C LEU A 388 11.81 -13.24 3.60
N TRP A 389 10.62 -13.34 3.02
CA TRP A 389 9.70 -14.44 3.31
C TRP A 389 9.79 -15.43 2.17
N SER A 391 8.10 -18.96 0.46
CA SER A 391 6.83 -19.66 0.38
C SER A 391 6.73 -20.40 -0.95
N ALA A 392 6.03 -21.53 -0.92
CA ALA A 392 5.72 -22.28 -2.13
C ALA A 392 4.61 -23.28 -1.75
N ASN A 393 3.51 -23.26 -2.47
CA ASN A 393 2.41 -24.16 -2.16
C ASN A 393 2.83 -25.62 -2.23
N GLU A 394 3.78 -25.93 -3.12
CA GLU A 394 4.23 -27.29 -3.29
C GLU A 394 4.95 -27.85 -2.07
N TRP A 395 5.43 -27.00 -1.15
CA TRP A 395 6.10 -27.47 0.05
C TRP A 395 5.05 -28.13 0.93
N ASP A 396 5.08 -29.47 1.00
CA ASP A 396 3.99 -30.18 1.67
C ASP A 396 4.41 -31.39 2.54
N ARG A 397 5.67 -31.41 2.94
CA ARG A 397 6.20 -32.49 3.74
C ARG A 397 7.53 -32.04 4.34
N GLU A 398 7.96 -32.73 5.38
CA GLU A 398 9.19 -32.37 6.06
C GLU A 398 10.41 -32.33 5.14
N SER A 399 10.47 -33.22 4.16
CA SER A 399 11.65 -33.28 3.27
C SER A 399 11.76 -32.04 2.34
N ASP A 400 10.60 -31.48 2.00
CA ASP A 400 10.51 -30.25 1.23
C ASP A 400 11.03 -29.11 2.11
N VAL A 401 10.65 -29.09 3.39
CA VAL A 401 11.12 -28.03 4.28
C VAL A 401 12.63 -28.11 4.45
N SER A 402 13.14 -29.31 4.71
CA SER A 402 14.57 -29.46 4.88
C SER A 402 15.33 -29.08 3.60
N SER A 403 14.83 -29.46 2.42
CA SER A 403 15.50 -29.06 1.19
C SER A 403 15.42 -27.56 0.96
N ALA A 404 14.29 -26.94 1.32
CA ALA A 404 14.13 -25.49 1.17
C ALA A 404 15.16 -24.76 2.00
N LEU A 405 15.29 -25.17 3.26
CA LEU A 405 16.26 -24.59 4.18
C LEU A 405 17.69 -24.84 3.71
N SER A 406 17.95 -26.06 3.22
N SER A 406 17.93 -26.06 3.21
CA SER A 406 19.29 -26.40 2.72
CA SER A 406 19.24 -26.45 2.70
C SER A 406 19.65 -25.59 1.48
C SER A 406 19.63 -25.61 1.49
N ASN A 407 18.69 -25.46 0.56
CA ASN A 407 18.92 -24.62 -0.64
C ASN A 407 19.16 -23.14 -0.30
N ALA A 408 18.38 -22.59 0.62
CA ALA A 408 18.58 -21.21 1.04
C ALA A 408 19.98 -20.97 1.60
N LYS A 409 20.43 -21.88 2.48
CA LYS A 409 21.77 -21.82 3.08
C LYS A 409 22.88 -21.99 2.05
N ALA A 410 22.76 -22.98 1.19
CA ALA A 410 23.75 -23.24 0.14
C ALA A 410 23.89 -22.07 -0.85
N ASN A 411 22.79 -21.35 -1.07
CA ASN A 411 22.77 -20.20 -1.99
C ASN A 411 22.95 -18.84 -1.29
N ASP A 412 23.35 -18.88 -0.02
CA ASP A 412 23.55 -17.67 0.77
C ASP A 412 22.36 -16.70 0.74
N ILE A 413 21.18 -17.24 1.05
CA ILE A 413 19.92 -16.51 1.10
C ILE A 413 19.43 -16.51 2.56
N PRO A 414 19.82 -15.49 3.32
CA PRO A 414 19.42 -15.44 4.72
C PRO A 414 18.04 -14.86 4.98
N ALA A 415 17.02 -15.60 4.62
CA ALA A 415 15.64 -15.18 4.83
C ALA A 415 15.29 -15.12 6.32
N THR A 416 14.14 -14.54 6.64
CA THR A 416 13.67 -14.47 8.04
C THR A 416 12.24 -15.01 8.21
N GLY A 417 11.51 -15.20 7.13
CA GLY A 417 10.11 -15.72 7.19
C GLY A 417 9.94 -16.98 6.35
N PHE A 418 9.04 -17.85 6.78
CA PHE A 418 8.81 -19.13 6.12
C PHE A 418 7.30 -19.43 6.20
N VAL A 419 6.69 -19.74 5.06
CA VAL A 419 5.28 -20.00 5.03
C VAL A 419 4.96 -21.42 4.59
N LEU A 420 4.03 -22.06 5.30
CA LEU A 420 3.51 -23.32 4.85
C LEU A 420 2.04 -23.20 4.59
N GLU A 421 1.65 -23.61 3.37
CA GLU A 421 0.26 -23.64 2.96
C GLU A 421 -0.27 -25.05 2.96
N GLN A 422 0.45 -25.96 2.31
CA GLN A 422 0.01 -27.34 2.19
C GLN A 422 0.52 -28.19 3.38
N TRP A 423 0.12 -27.81 4.59
CA TRP A 423 0.60 -28.44 5.80
C TRP A 423 -0.42 -29.33 6.51
N SER A 424 -1.70 -29.11 6.26
CA SER A 424 -2.76 -29.75 7.03
C SER A 424 -3.40 -30.95 6.35
N ASP A 425 -4.39 -31.49 7.04
CA ASP A 425 -5.19 -32.60 6.55
C ASP A 425 -6.10 -32.25 5.40
N GLU A 426 -6.20 -30.95 5.08
CA GLU A 426 -7.03 -30.44 3.99
C GLU A 426 -8.52 -30.76 4.29
N GLU A 427 -8.87 -30.85 5.57
CA GLU A 427 -10.22 -31.15 5.99
C GLU A 427 -10.62 -30.22 7.13
N THR A 428 -9.96 -30.32 8.27
CA THR A 428 -10.23 -29.45 9.41
C THR A 428 -9.39 -28.18 9.35
N TYR A 429 -8.27 -28.26 8.65
CA TYR A 429 -7.28 -27.15 8.57
C TYR A 429 -6.66 -26.75 9.93
N TYR A 430 -6.73 -27.63 10.92
CA TYR A 430 -6.04 -27.40 12.18
C TYR A 430 -5.24 -28.61 12.66
N ILE A 431 -5.21 -29.68 11.84
CA ILE A 431 -4.53 -30.90 12.15
C ILE A 431 -3.51 -31.15 11.03
N TRP A 432 -2.28 -31.53 11.40
CA TRP A 432 -1.20 -31.83 10.42
C TRP A 432 -1.57 -32.97 9.50
N ASN A 433 -1.17 -32.85 8.23
CA ASN A 433 -1.44 -33.92 7.24
C ASN A 433 -0.85 -35.24 7.76
N ASN A 434 -1.61 -36.32 7.54
CA ASN A 434 -1.26 -37.69 7.94
C ASN A 434 -1.27 -37.95 9.45
N ALA A 435 -1.63 -36.98 10.28
CA ALA A 435 -1.66 -37.22 11.71
C ALA A 435 -2.84 -38.16 12.00
N THR A 436 -2.68 -39.07 12.97
CA THR A 436 -3.79 -39.92 13.39
C THR A 436 -4.08 -39.61 14.85
N TYR A 437 -5.29 -39.93 15.27
CA TYR A 437 -5.79 -39.53 16.59
C TYR A 437 -7.19 -40.09 16.80
N THR A 438 -7.69 -40.00 18.03
CA THR A 438 -9.07 -40.38 18.35
C THR A 438 -9.90 -39.11 18.18
N ALA A 439 -10.91 -39.16 17.31
CA ALA A 439 -11.75 -37.98 17.03
C ALA A 439 -12.43 -37.46 18.29
N LYS A 440 -12.61 -36.15 18.35
CA LYS A 440 -13.26 -35.52 19.48
C LYS A 440 -14.59 -34.92 19.10
N LYS A 441 -15.59 -35.17 19.94
CA LYS A 441 -16.92 -34.65 19.78
C LYS A 441 -17.03 -33.34 20.54
N ASN A 442 -18.17 -32.69 20.34
CA ASN A 442 -18.51 -31.45 21.04
C ASN A 442 -17.51 -30.33 20.93
N GLY A 443 -16.83 -30.28 19.81
CA GLY A 443 -15.86 -29.23 19.56
C GLY A 443 -14.70 -29.13 20.52
N GLU A 444 -14.37 -30.21 21.21
N GLU A 444 -14.37 -30.21 21.21
CA GLU A 444 -13.23 -30.22 22.13
CA GLU A 444 -13.24 -30.22 22.14
C GLU A 444 -11.94 -30.01 21.35
C GLU A 444 -11.94 -30.00 21.36
N ALA A 445 -11.02 -29.24 21.94
CA ALA A 445 -9.73 -28.94 21.33
C ALA A 445 -8.73 -30.06 21.61
N PHE A 446 -7.78 -30.25 20.71
CA PHE A 446 -6.72 -31.22 20.87
C PHE A 446 -5.47 -30.55 21.42
N SER A 447 -4.58 -31.35 22.00
N SER A 447 -4.59 -31.39 21.99
CA SER A 447 -3.27 -30.89 22.44
CA SER A 447 -3.28 -31.00 22.51
C SER A 447 -2.29 -31.73 21.64
C SER A 447 -2.30 -31.74 21.61
N TYR A 448 -1.05 -31.29 21.56
CA TYR A 448 -0.01 -31.96 20.74
C TYR A 448 0.09 -33.47 20.98
N ASP A 449 0.01 -33.87 22.26
CA ASP A 449 0.14 -35.25 22.67
C ASP A 449 -1.05 -36.13 22.26
N ASP A 450 -2.15 -35.54 21.81
CA ASP A 450 -3.28 -36.34 21.31
C ASP A 450 -3.00 -36.96 19.95
N PHE A 451 -1.98 -36.48 19.24
CA PHE A 451 -1.71 -36.91 17.87
C PHE A 451 -0.59 -37.92 17.72
N THR A 452 -0.71 -38.82 16.75
CA THR A 452 0.40 -39.67 16.32
C THR A 452 0.78 -39.10 14.96
N PHE A 453 1.97 -38.51 14.87
CA PHE A 453 2.42 -37.86 13.64
C PHE A 453 3.03 -38.87 12.71
N ASN A 454 2.61 -38.86 11.46
CA ASN A 454 3.04 -39.85 10.47
C ASN A 454 3.40 -39.21 9.14
N GLY A 455 3.88 -40.07 8.25
CA GLY A 455 4.12 -39.73 6.84
C GLY A 455 4.85 -38.43 6.53
N LYS A 456 4.10 -37.47 5.99
CA LYS A 456 4.67 -36.20 5.58
C LYS A 456 5.15 -35.31 6.73
N TRP A 457 4.62 -35.50 7.92
CA TRP A 457 4.98 -34.69 9.07
C TRP A 457 5.09 -35.58 10.29
N THR A 458 6.28 -36.14 10.51
CA THR A 458 6.52 -37.05 11.62
C THR A 458 6.85 -36.31 12.94
N ASP A 459 7.26 -35.05 12.86
CA ASP A 459 7.65 -34.30 14.07
C ASP A 459 7.51 -32.83 13.78
N PRO A 460 6.26 -32.35 13.83
CA PRO A 460 6.02 -30.94 13.53
C PRO A 460 6.82 -29.99 14.42
N LYS A 461 6.92 -30.30 15.70
CA LYS A 461 7.66 -29.46 16.61
C LYS A 461 9.12 -29.40 16.18
N GLY A 462 9.71 -30.55 15.84
CA GLY A 462 11.09 -30.61 15.37
C GLY A 462 11.30 -29.83 14.07
N VAL A 464 9.51 -27.22 13.03
CA VAL A 464 9.54 -25.80 13.40
C VAL A 464 10.87 -25.43 14.06
N ASP A 465 11.40 -26.31 14.92
CA ASP A 465 12.70 -26.05 15.55
C ASP A 465 13.80 -25.85 14.49
N SER A 466 13.77 -26.63 13.39
CA SER A 466 14.77 -26.50 12.31
C SER A 466 14.62 -25.17 11.58
N VAL A 467 13.39 -24.68 11.43
CA VAL A 467 13.16 -23.38 10.78
C VAL A 467 13.69 -22.25 11.67
N HIS A 468 13.34 -22.32 12.95
CA HIS A 468 13.90 -21.38 13.92
C HIS A 468 15.44 -21.42 13.92
N ASP A 469 16.02 -22.62 13.82
CA ASP A 469 17.50 -22.77 13.83
C ASP A 469 18.16 -22.05 12.66
N ALA A 470 17.44 -21.98 11.54
CA ALA A 470 17.88 -21.31 10.33
C ALA A 470 17.70 -19.79 10.38
N GLY A 471 17.21 -19.27 11.51
CA GLY A 471 16.99 -17.83 11.69
C GLY A 471 15.69 -17.33 11.09
N ASN A 473 11.16 -17.50 11.00
N ASN A 473 11.15 -17.48 11.02
CA ASN A 473 9.93 -17.72 11.75
CA ASN A 473 9.91 -17.70 11.76
C ASN A 473 8.91 -18.28 10.77
C ASN A 473 8.83 -18.18 10.79
N ILE A 474 7.96 -19.06 11.27
CA ILE A 474 6.99 -19.73 10.41
C ILE A 474 5.53 -19.41 10.62
N VAL A 475 4.80 -19.28 9.52
CA VAL A 475 3.36 -19.04 9.57
C VAL A 475 2.62 -20.15 8.84
N LEU A 476 1.41 -20.46 9.30
CA LEU A 476 0.57 -21.47 8.68
C LEU A 476 -0.73 -20.90 8.06
N TRP A 477 -1.06 -21.41 6.89
CA TRP A 477 -2.23 -21.01 6.12
C TRP A 477 -3.51 -21.42 6.81
N GLN A 478 -4.50 -20.54 6.70
CA GLN A 478 -5.84 -20.71 7.25
C GLN A 478 -6.92 -20.05 6.39
N VAL A 479 -8.17 -20.51 6.59
CA VAL A 479 -9.36 -19.92 5.98
C VAL A 479 -10.38 -19.73 7.12
N PRO A 480 -11.38 -18.88 6.90
CA PRO A 480 -12.41 -18.57 7.93
C PRO A 480 -13.68 -19.44 7.81
N VAL A 481 -13.60 -20.49 7.02
CA VAL A 481 -14.74 -21.33 6.69
C VAL A 481 -14.46 -22.77 7.08
N LEU A 482 -15.52 -23.46 7.51
CA LEU A 482 -15.42 -24.87 7.78
C LEU A 482 -15.83 -25.57 6.49
N LYS A 483 -14.89 -26.33 5.93
CA LYS A 483 -15.12 -26.98 4.66
C LYS A 483 -16.27 -27.98 4.73
N ASP A 484 -17.06 -28.05 3.66
CA ASP A 484 -18.13 -29.05 3.57
C ASP A 484 -18.39 -29.34 2.09
N ASP A 485 -17.70 -30.33 1.58
CA ASP A 485 -17.83 -30.68 0.18
C ASP A 485 -18.69 -31.91 0.01
N GLY A 486 -19.40 -32.28 1.06
CA GLY A 486 -20.27 -33.45 1.05
C GLY A 486 -19.62 -34.79 1.35
N THR A 487 -18.29 -34.86 1.34
CA THR A 487 -17.57 -36.09 1.66
C THR A 487 -17.60 -36.31 3.17
N VAL A 488 -17.49 -37.57 3.59
CA VAL A 488 -17.49 -37.88 5.02
C VAL A 488 -16.08 -37.78 5.58
N TYR A 489 -15.96 -37.13 6.73
CA TYR A 489 -14.66 -37.02 7.38
C TYR A 489 -14.93 -36.72 8.85
N GLU A 490 -14.69 -37.73 9.69
CA GLU A 490 -15.14 -37.72 11.09
C GLU A 490 -14.95 -36.44 11.90
N GLN A 491 -13.72 -35.93 11.98
CA GLN A 491 -13.52 -34.76 12.81
C GLN A 491 -14.23 -33.52 12.25
N ARG A 492 -14.24 -33.37 10.93
CA ARG A 492 -14.85 -32.23 10.27
C ARG A 492 -16.37 -32.31 10.50
N ASP A 493 -16.92 -33.51 10.37
CA ASP A 493 -18.35 -33.73 10.61
C ASP A 493 -18.73 -33.41 12.06
N ASN A 494 -17.90 -33.83 13.01
CA ASN A 494 -18.15 -33.54 14.42
C ASN A 494 -18.13 -32.03 14.66
N ASP A 495 -17.14 -31.38 14.06
CA ASP A 495 -17.00 -29.93 14.24
C ASP A 495 -18.19 -29.19 13.66
N GLU A 496 -18.65 -29.61 12.49
CA GLU A 496 -19.81 -28.97 11.85
C GLU A 496 -21.05 -29.10 12.69
N GLU A 497 -21.28 -30.30 13.22
CA GLU A 497 -22.43 -30.54 14.07
C GLU A 497 -22.41 -29.63 15.29
N TYR A 498 -21.24 -29.48 15.90
CA TYR A 498 -21.13 -28.66 17.10
C TYR A 498 -21.37 -27.19 16.78
N ILE A 500 -22.99 -25.83 14.36
CA ILE A 500 -24.40 -25.58 14.06
C ILE A 500 -25.23 -25.57 15.34
N SER A 501 -25.00 -26.52 16.25
CA SER A 501 -25.78 -26.55 17.48
C SER A 501 -25.56 -25.31 18.35
N GLN A 502 -24.37 -24.74 18.30
CA GLN A 502 -24.04 -23.56 19.09
C GLN A 502 -24.38 -22.22 18.41
N GLY A 503 -24.76 -22.27 17.14
CA GLY A 503 -25.04 -21.03 16.41
C GLY A 503 -23.77 -20.22 16.17
N TYR A 504 -22.65 -20.94 15.95
CA TYR A 504 -21.35 -20.32 15.68
C TYR A 504 -21.18 -19.88 14.22
N SER A 505 -22.07 -20.33 13.36
CA SER A 505 -22.15 -19.87 11.99
C SER A 505 -22.99 -18.60 11.99
N ALA A 506 -22.98 -17.90 10.86
CA ALA A 506 -23.96 -16.83 10.64
C ALA A 506 -25.29 -17.55 10.31
N ASP A 507 -26.39 -16.81 10.24
CA ASP A 507 -27.72 -17.35 9.93
C ASP A 507 -28.08 -16.99 8.47
N ASP A 508 -28.66 -17.93 7.73
CA ASP A 508 -29.00 -17.66 6.33
C ASP A 508 -30.22 -16.74 6.17
N GLY A 509 -30.90 -16.44 7.28
CA GLY A 509 -32.07 -15.58 7.29
C GLY A 509 -33.34 -16.38 7.61
N THR A 510 -33.24 -17.70 7.62
CA THR A 510 -34.36 -18.59 7.89
C THR A 510 -34.11 -19.48 9.12
N GLY A 511 -33.00 -19.27 9.81
CA GLY A 511 -32.66 -20.13 10.92
C GLY A 511 -31.64 -21.22 10.60
N ALA A 512 -31.26 -21.41 9.33
CA ALA A 512 -30.26 -22.43 8.97
C ALA A 512 -28.89 -21.78 8.88
N PRO A 513 -27.82 -22.56 9.04
CA PRO A 513 -26.51 -21.92 8.96
C PRO A 513 -26.20 -21.39 7.57
N TYR A 514 -25.54 -20.24 7.53
CA TYR A 514 -25.13 -19.64 6.28
C TYR A 514 -23.96 -20.41 5.65
N ARG A 515 -24.10 -20.70 4.36
CA ARG A 515 -23.07 -21.38 3.59
C ARG A 515 -22.64 -20.57 2.39
N VAL A 516 -21.35 -20.62 2.09
CA VAL A 516 -20.82 -19.92 0.93
C VAL A 516 -21.58 -20.45 -0.30
N PRO A 517 -21.99 -19.56 -1.24
CA PRO A 517 -22.67 -20.04 -2.45
C PRO A 517 -21.89 -21.15 -3.16
N ALA A 518 -22.63 -22.17 -3.61
CA ALA A 518 -22.08 -23.39 -4.23
C ALA A 518 -20.95 -23.20 -5.27
N SER A 519 -21.05 -22.17 -6.09
CA SER A 519 -20.12 -21.96 -7.21
C SER A 519 -18.85 -21.19 -6.81
N GLN A 520 -18.78 -20.78 -5.55
CA GLN A 520 -17.63 -19.99 -5.10
C GLN A 520 -16.56 -20.85 -4.43
N TRP A 521 -15.42 -20.22 -4.15
CA TRP A 521 -14.30 -20.88 -3.45
C TRP A 521 -14.79 -21.29 -2.07
N PHE A 522 -14.62 -22.57 -1.74
CA PHE A 522 -15.17 -23.18 -0.52
C PHE A 522 -16.70 -23.12 -0.50
N GLY A 523 -17.27 -23.29 -1.68
CA GLY A 523 -18.73 -23.37 -1.83
C GLY A 523 -19.26 -24.47 -0.93
N ASN A 524 -20.41 -24.16 -0.30
CA ASN A 524 -21.11 -25.04 0.63
C ASN A 524 -20.48 -25.03 2.04
N GLY A 525 -19.33 -24.42 2.19
CA GLY A 525 -18.65 -24.36 3.48
C GLY A 525 -19.39 -23.41 4.41
N ILE A 526 -19.21 -23.60 5.71
CA ILE A 526 -19.90 -22.78 6.73
C ILE A 526 -18.96 -21.76 7.32
N LEU A 527 -19.25 -20.49 7.11
CA LEU A 527 -18.41 -19.45 7.64
C LEU A 527 -18.48 -19.37 9.17
N LEU A 528 -17.35 -19.10 9.82
CA LEU A 528 -17.37 -18.88 11.24
C LEU A 528 -17.79 -17.42 11.45
N ASP A 529 -18.75 -17.20 12.35
CA ASP A 529 -19.22 -15.85 12.61
C ASP A 529 -18.26 -15.15 13.54
N PHE A 530 -17.29 -14.46 12.96
CA PHE A 530 -16.30 -13.71 13.75
C PHE A 530 -16.84 -12.54 14.59
N THR A 531 -18.12 -12.23 14.48
CA THR A 531 -18.75 -11.22 15.35
C THR A 531 -19.21 -11.87 16.65
N ASN A 532 -19.17 -13.20 16.70
CA ASN A 532 -19.61 -14.00 17.86
C ASN A 532 -18.40 -14.40 18.72
N LYS A 533 -18.24 -13.73 19.86
CA LYS A 533 -17.07 -13.97 20.71
C LYS A 533 -16.91 -15.42 21.12
N ASP A 534 -18.02 -16.07 21.45
CA ASP A 534 -17.95 -17.48 21.83
C ASP A 534 -17.48 -18.31 20.64
N ALA A 535 -17.95 -17.97 19.45
CA ALA A 535 -17.57 -18.66 18.22
C ALA A 535 -16.09 -18.50 17.92
N VAL A 536 -15.58 -17.29 18.13
CA VAL A 536 -14.18 -16.98 17.91
C VAL A 536 -13.29 -17.72 18.93
N ASP A 537 -13.73 -17.75 20.19
CA ASP A 537 -13.02 -18.49 21.24
C ASP A 537 -12.94 -19.96 20.93
N TRP A 538 -14.03 -20.54 20.43
CA TRP A 538 -14.03 -21.94 20.05
C TRP A 538 -13.10 -22.22 18.87
N TRP A 539 -13.25 -21.44 17.82
CA TRP A 539 -12.46 -21.63 16.58
C TRP A 539 -10.95 -21.56 16.84
N THR A 540 -10.56 -20.51 17.57
CA THR A 540 -9.16 -20.29 17.87
C THR A 540 -8.63 -21.36 18.84
N SER A 541 -9.47 -21.81 19.78
CA SER A 541 -9.06 -22.86 20.75
C SER A 541 -8.56 -24.12 20.01
N GLN A 542 -9.15 -24.41 18.86
CA GLN A 542 -8.76 -25.58 18.06
C GLN A 542 -7.36 -25.42 17.49
N ARG A 543 -6.91 -24.19 17.35
CA ARG A 543 -5.55 -23.90 16.83
C ARG A 543 -4.54 -23.59 17.90
N GLU A 544 -4.99 -23.46 19.14
CA GLU A 544 -4.10 -23.06 20.23
C GLU A 544 -2.80 -23.87 20.31
N TYR A 545 -2.88 -25.19 20.21
CA TYR A 545 -1.69 -26.05 20.36
C TYR A 545 -0.63 -25.76 19.32
N LEU A 546 -1.02 -25.21 18.18
CA LEU A 546 -0.07 -24.85 17.14
C LEU A 546 0.89 -23.73 17.63
N LEU A 547 0.38 -22.84 18.46
CA LEU A 547 1.18 -21.76 19.05
C LEU A 547 1.86 -22.16 20.35
N THR A 548 1.11 -22.82 21.24
CA THR A 548 1.66 -23.16 22.55
C THR A 548 2.64 -24.33 22.52
N GLU A 549 2.45 -25.28 21.60
CA GLU A 549 3.27 -26.47 21.59
C GLU A 549 4.09 -26.66 20.35
N VAL A 550 3.50 -26.47 19.17
CA VAL A 550 4.28 -26.62 17.93
C VAL A 550 5.25 -25.43 17.78
N GLY A 551 4.83 -24.27 18.28
CA GLY A 551 5.67 -23.08 18.32
C GLY A 551 5.67 -22.17 17.11
N ILE A 552 4.57 -22.14 16.35
CA ILE A 552 4.48 -21.29 15.13
C ILE A 552 4.45 -19.80 15.44
N ASP A 553 4.75 -19.00 14.40
CA ASP A 553 4.88 -17.56 14.53
C ASP A 553 3.81 -16.74 13.83
N GLY A 554 2.63 -17.34 13.64
CA GLY A 554 1.50 -16.67 13.06
C GLY A 554 0.79 -17.44 11.99
N PHE A 555 -0.16 -16.76 11.36
CA PHE A 555 -1.00 -17.37 10.35
C PHE A 555 -1.11 -16.53 9.06
N LYS A 556 -1.15 -17.24 7.93
CA LYS A 556 -1.48 -16.67 6.65
C LYS A 556 -3.00 -16.86 6.50
N THR A 557 -3.73 -15.83 6.95
CA THR A 557 -5.19 -15.81 6.93
C THR A 557 -5.71 -15.37 5.58
N ASP A 558 -5.95 -16.37 4.74
CA ASP A 558 -6.38 -16.21 3.35
C ASP A 558 -7.93 -16.14 3.32
N GLY A 559 -8.45 -15.74 2.18
CA GLY A 559 -9.88 -15.60 1.96
C GLY A 559 -10.56 -14.52 2.78
N GLY A 560 -11.86 -14.71 2.95
CA GLY A 560 -12.69 -13.78 3.71
C GLY A 560 -13.71 -13.03 2.88
N GLU A 561 -13.60 -13.10 1.55
CA GLU A 561 -14.51 -12.38 0.64
C GLU A 561 -15.69 -13.33 0.36
N VAL A 563 -19.00 -13.45 2.16
CA VAL A 563 -20.33 -13.07 2.67
C VAL A 563 -21.25 -12.55 1.55
N TRP A 564 -22.23 -13.39 1.21
CA TRP A 564 -23.29 -13.04 0.26
C TRP A 564 -24.64 -13.20 0.95
N GLY A 565 -25.68 -12.76 0.23
CA GLY A 565 -27.07 -12.91 0.66
C GLY A 565 -27.56 -11.66 1.37
N ARG A 566 -28.74 -11.19 0.96
CA ARG A 566 -29.33 -10.01 1.56
C ARG A 566 -29.74 -10.24 3.02
N ASP A 567 -30.29 -11.43 3.29
CA ASP A 567 -30.83 -11.77 4.59
C ASP A 567 -29.87 -12.48 5.55
N THR A 568 -28.65 -12.75 5.10
CA THR A 568 -27.61 -13.34 5.94
C THR A 568 -27.43 -12.48 7.20
N THR A 569 -27.50 -13.11 8.37
CA THR A 569 -27.51 -12.39 9.66
C THR A 569 -26.42 -12.87 10.64
N PHE A 570 -25.69 -11.92 11.21
CA PHE A 570 -24.61 -12.19 12.14
C PHE A 570 -25.02 -11.94 13.60
N SER A 571 -24.25 -12.50 14.53
CA SER A 571 -24.60 -12.42 15.99
C SER A 571 -24.77 -10.98 16.49
N ASN A 572 -24.11 -10.03 15.86
CA ASN A 572 -24.23 -8.62 16.21
C ASN A 572 -25.48 -7.93 15.64
N GLY A 573 -26.38 -8.70 15.03
CA GLY A 573 -27.61 -8.13 14.47
C GLY A 573 -27.49 -7.59 13.04
N GLU A 574 -26.27 -7.43 12.55
CA GLU A 574 -26.03 -6.87 11.23
C GLU A 574 -26.23 -7.93 10.17
N LYS A 575 -26.55 -7.49 8.97
CA LYS A 575 -26.83 -8.42 7.88
C LYS A 575 -25.77 -8.38 6.78
N GLY A 576 -26.01 -9.13 5.69
CA GLY A 576 -25.02 -9.28 4.61
C GLY A 576 -24.51 -8.03 3.93
N GLN A 577 -25.39 -7.06 3.73
CA GLN A 577 -25.00 -5.79 3.11
C GLN A 577 -23.93 -5.06 3.92
N GLU A 578 -24.17 -4.97 5.22
CA GLU A 578 -23.24 -4.29 6.09
C GLU A 578 -22.00 -5.13 6.38
N ARG A 580 -20.47 -7.74 4.58
CA ARG A 580 -19.55 -8.28 3.57
C ARG A 580 -18.14 -7.64 3.63
N ASN A 581 -18.05 -6.32 3.68
CA ASN A 581 -16.75 -5.69 3.69
C ASN A 581 -16.02 -5.82 5.04
N ARG A 582 -16.78 -5.90 6.14
CA ARG A 582 -16.22 -5.92 7.48
C ARG A 582 -15.74 -7.31 7.87
N TYR A 583 -16.45 -8.33 7.38
CA TYR A 583 -16.15 -9.71 7.76
C TYR A 583 -14.64 -10.08 7.64
N PRO A 584 -14.02 -9.82 6.49
CA PRO A 584 -12.60 -10.20 6.42
C PRO A 584 -11.73 -9.59 7.49
N THR A 585 -11.99 -8.34 7.86
CA THR A 585 -11.21 -7.68 8.90
C THR A 585 -11.56 -8.19 10.31
N ASP A 586 -12.81 -8.53 10.59
CA ASP A 586 -13.12 -9.20 11.86
C ASP A 586 -12.33 -10.54 11.96
N TYR A 587 -12.26 -11.25 10.85
CA TYR A 587 -11.54 -12.52 10.74
C TYR A 587 -10.04 -12.36 10.94
N VAL A 588 -9.45 -11.49 10.16
CA VAL A 588 -8.02 -11.27 10.23
C VAL A 588 -7.62 -10.73 11.61
N SER A 589 -8.37 -9.76 12.13
CA SER A 589 -8.02 -9.17 13.44
C SER A 589 -8.15 -10.22 14.55
N SER A 590 -9.19 -11.03 14.49
CA SER A 590 -9.38 -12.07 15.50
C SER A 590 -8.16 -12.99 15.58
N TYR A 591 -7.65 -13.45 14.43
CA TYR A 591 -6.48 -14.33 14.42
C TYR A 591 -5.21 -13.62 14.82
N PHE A 592 -5.01 -12.40 14.34
CA PHE A 592 -3.83 -11.62 14.69
C PHE A 592 -3.70 -11.44 16.21
N ASP A 593 -4.79 -11.00 16.83
CA ASP A 593 -4.82 -10.78 18.28
C ASP A 593 -4.59 -12.08 19.08
N PHE A 594 -5.23 -13.15 18.63
CA PHE A 594 -5.10 -14.45 19.27
C PHE A 594 -3.68 -14.98 19.23
N ALA A 595 -3.06 -14.96 18.05
CA ALA A 595 -1.71 -15.44 17.90
C ALA A 595 -0.76 -14.63 18.79
N LYS A 596 -0.94 -13.32 18.78
CA LYS A 596 -0.07 -12.41 19.52
C LYS A 596 -0.23 -12.53 21.03
N SER A 597 -1.42 -12.91 21.49
CA SER A 597 -1.69 -13.09 22.91
C SER A 597 -0.83 -14.24 23.45
N ILE A 598 -0.50 -15.21 22.59
CA ILE A 598 0.31 -16.35 22.97
C ILE A 598 1.78 -16.18 22.65
N ASN A 599 2.08 -15.65 21.46
CA ASN A 599 3.42 -15.45 20.93
C ASN A 599 3.56 -13.97 20.50
N PRO A 600 4.19 -13.14 21.34
CA PRO A 600 4.31 -11.69 21.05
C PRO A 600 4.95 -11.35 19.73
N GLU A 601 5.73 -12.28 19.17
CA GLU A 601 6.42 -12.11 17.90
C GLU A 601 5.60 -12.59 16.69
N ALA A 602 4.35 -13.03 16.90
CA ALA A 602 3.51 -13.53 15.82
C ALA A 602 3.04 -12.46 14.84
N VAL A 603 2.99 -12.83 13.57
CA VAL A 603 2.63 -11.95 12.48
C VAL A 603 1.58 -12.62 11.58
N SER A 604 0.58 -11.86 11.13
CA SER A 604 -0.44 -12.35 10.21
C SER A 604 -0.10 -11.84 8.80
N PHE A 605 -0.53 -12.60 7.82
CA PHE A 605 -0.27 -12.34 6.40
C PHE A 605 -1.61 -12.64 5.73
N SER A 606 -2.28 -11.59 5.25
CA SER A 606 -3.65 -11.69 4.76
C SER A 606 -3.80 -10.95 3.44
N ARG A 607 -4.94 -11.14 2.77
CA ARG A 607 -5.19 -10.39 1.52
C ARG A 607 -6.46 -9.50 1.54
N SER A 608 -7.41 -9.76 2.44
CA SER A 608 -8.71 -9.10 2.38
C SER A 608 -9.00 -8.24 3.58
N GLY A 609 -9.74 -7.15 3.34
CA GLY A 609 -10.19 -6.25 4.43
C GLY A 609 -10.79 -4.97 3.95
N THR A 610 -11.10 -4.12 4.92
CA THR A 610 -11.64 -2.82 4.70
C THR A 610 -11.01 -1.89 5.74
N SER A 611 -11.63 -0.73 5.96
N SER A 611 -11.64 -0.73 5.97
CA SER A 611 -11.11 0.22 6.94
CA SER A 611 -11.12 0.20 6.96
C SER A 611 -10.79 -0.53 8.23
C SER A 611 -10.80 -0.53 8.24
N GLY A 612 -9.61 -0.25 8.79
CA GLY A 612 -9.14 -0.92 10.01
C GLY A 612 -8.19 -2.09 9.76
N ALA A 613 -8.12 -2.60 8.52
CA ALA A 613 -7.28 -3.72 8.19
C ALA A 613 -5.85 -3.52 8.68
N GLN A 614 -5.38 -2.29 8.60
CA GLN A 614 -4.04 -1.93 8.96
C GLN A 614 -3.60 -2.28 10.37
N LYS A 615 -4.55 -2.38 11.30
CA LYS A 615 -4.21 -2.76 12.66
C LYS A 615 -3.65 -4.18 12.77
N SER A 616 -3.89 -5.03 11.78
CA SER A 616 -3.63 -6.43 11.89
C SER A 616 -2.74 -7.14 10.86
N GLY A 617 -1.50 -6.71 10.77
CA GLY A 617 -0.52 -7.42 9.99
C GLY A 617 -0.30 -7.01 8.57
N ILE A 618 0.31 -7.94 7.83
CA ILE A 618 0.69 -7.75 6.44
C ILE A 618 -0.44 -8.08 5.49
N TYR A 619 -0.51 -7.33 4.38
CA TYR A 619 -1.46 -7.59 3.30
C TYR A 619 -0.68 -7.81 2.01
N TRP A 620 -0.93 -8.92 1.34
CA TRP A 620 -0.31 -9.17 0.02
C TRP A 620 -1.38 -9.00 -1.07
N SER A 621 -0.91 -8.67 -2.27
CA SER A 621 -1.73 -8.31 -3.42
C SER A 621 -2.48 -9.44 -4.11
N GLY A 622 -2.42 -10.64 -3.55
CA GLY A 622 -3.19 -11.76 -4.08
C GLY A 622 -2.60 -12.48 -5.27
N ASP A 623 -3.52 -13.08 -6.03
CA ASP A 623 -3.19 -13.98 -7.14
C ASP A 623 -2.99 -13.34 -8.49
N GLN A 624 -1.75 -13.31 -8.95
CA GLN A 624 -1.41 -12.71 -10.24
C GLN A 624 -0.49 -13.60 -11.07
N THR A 625 -0.50 -13.42 -12.37
CA THR A 625 0.35 -14.18 -13.24
C THR A 625 1.75 -13.57 -13.35
N SER A 626 2.68 -14.38 -13.84
CA SER A 626 4.09 -13.97 -13.96
C SER A 626 4.31 -13.24 -15.28
N THR A 627 3.77 -12.01 -15.36
CA THR A 627 3.96 -11.15 -16.54
C THR A 627 4.31 -9.74 -16.07
N PHE A 628 4.83 -8.94 -17.00
CA PHE A 628 5.11 -7.53 -16.69
C PHE A 628 3.80 -6.75 -16.48
N ASP A 629 2.76 -7.07 -17.23
CA ASP A 629 1.45 -6.43 -17.00
C ASP A 629 0.98 -6.65 -15.54
N SER A 630 1.17 -7.86 -15.00
CA SER A 630 0.80 -8.15 -13.61
C SER A 630 1.67 -7.40 -12.66
N PHE A 631 2.95 -7.32 -12.96
CA PHE A 631 3.90 -6.55 -12.17
C PHE A 631 3.42 -5.09 -12.04
N GLN A 632 3.03 -4.51 -13.17
CA GLN A 632 2.55 -3.13 -13.19
C GLN A 632 1.32 -2.97 -12.30
N ALA A 633 0.41 -3.97 -12.36
CA ALA A 633 -0.80 -3.97 -11.55
C ALA A 633 -0.49 -4.09 -10.06
N SER A 634 0.50 -4.93 -9.71
CA SER A 634 0.94 -5.09 -8.33
C SER A 634 1.43 -3.78 -7.75
N LEU A 635 2.27 -3.10 -8.53
CA LEU A 635 2.80 -1.79 -8.09
C LEU A 635 1.69 -0.78 -7.80
N LYS A 636 0.67 -0.76 -8.65
CA LYS A 636 -0.49 0.13 -8.43
C LYS A 636 -1.24 -0.27 -7.17
N ALA A 637 -1.36 -1.58 -6.94
CA ALA A 637 -2.04 -2.08 -5.75
C ALA A 637 -1.32 -1.66 -4.48
N GLY A 638 0.01 -1.69 -4.49
CA GLY A 638 0.78 -1.27 -3.35
C GLY A 638 0.72 0.24 -3.06
N LEU A 639 0.72 1.04 -4.12
CA LEU A 639 0.72 2.49 -4.00
C LEU A 639 -0.65 3.01 -3.53
N SER A 640 -1.71 2.36 -3.99
CA SER A 640 -3.08 2.72 -3.59
C SER A 640 -3.34 2.26 -2.15
N ALA A 641 -2.97 1.03 -1.84
CA ALA A 641 -3.05 0.51 -0.48
C ALA A 641 -2.33 1.46 0.49
N SER A 642 -1.17 1.95 0.10
CA SER A 642 -0.41 2.89 0.93
C SER A 642 -1.12 4.17 1.31
N THR A 643 -1.71 4.83 0.31
CA THR A 643 -2.51 6.02 0.51
C THR A 643 -3.69 5.73 1.45
N SER A 644 -4.19 4.52 1.35
CA SER A 644 -5.32 4.07 2.15
C SER A 644 -4.93 3.58 3.55
N GLY A 645 -3.67 3.77 3.96
CA GLY A 645 -3.22 3.39 5.31
C GLY A 645 -2.75 1.96 5.52
N VAL A 646 -2.68 1.18 4.43
CA VAL A 646 -2.17 -0.19 4.48
C VAL A 646 -0.72 -0.11 3.95
N SER A 647 0.17 0.04 4.91
CA SER A 647 1.60 0.28 4.68
C SER A 647 2.43 -0.99 4.56
N TYR A 648 2.10 -1.98 5.41
CA TYR A 648 2.83 -3.26 5.45
C TYR A 648 2.30 -4.19 4.37
N TRP A 649 2.71 -3.88 3.15
CA TRP A 649 2.16 -4.50 1.94
C TRP A 649 3.21 -5.33 1.23
N ALA A 650 2.78 -6.49 0.74
CA ALA A 650 3.62 -7.42 0.02
C ALA A 650 2.96 -7.82 -1.30
N TRP A 651 3.71 -8.50 -2.14
CA TRP A 651 3.19 -9.10 -3.34
C TRP A 651 4.03 -10.36 -3.60
N ASP A 652 3.48 -11.28 -4.37
CA ASP A 652 4.22 -12.47 -4.78
C ASP A 652 5.19 -12.00 -5.87
N ALA A 654 7.38 -11.38 -8.95
CA ALA A 654 7.40 -12.02 -10.28
C ALA A 654 6.17 -12.87 -10.59
N GLY A 655 5.15 -12.81 -9.74
CA GLY A 655 3.93 -13.59 -9.92
C GLY A 655 4.00 -15.02 -9.39
N PHE A 656 2.88 -15.54 -8.93
CA PHE A 656 2.88 -16.88 -8.35
C PHE A 656 2.39 -17.98 -9.27
N THR A 657 1.85 -17.62 -10.44
CA THR A 657 1.30 -18.60 -11.37
C THR A 657 1.46 -18.17 -12.80
N GLY A 658 1.04 -19.05 -13.71
CA GLY A 658 1.17 -18.80 -15.14
C GLY A 658 2.46 -19.43 -15.60
N ASP A 659 2.90 -19.11 -16.81
CA ASP A 659 4.18 -19.62 -17.26
C ASP A 659 5.27 -19.08 -16.34
N TYR A 660 6.32 -19.88 -16.14
CA TYR A 660 7.38 -19.49 -15.24
C TYR A 660 7.93 -18.14 -15.69
N PRO A 661 8.29 -17.25 -14.76
CA PRO A 661 8.81 -15.99 -15.24
C PRO A 661 10.12 -16.09 -16.02
N THR A 662 10.31 -15.15 -16.93
CA THR A 662 11.52 -15.03 -17.65
C THR A 662 12.59 -14.52 -16.66
N ALA A 663 13.84 -14.72 -17.04
CA ALA A 663 14.93 -14.26 -16.20
C ALA A 663 14.84 -12.74 -16.02
N GLU A 664 14.48 -12.05 -17.11
CA GLU A 664 14.31 -10.60 -17.10
C GLU A 664 13.26 -10.15 -16.09
N LEU A 665 12.07 -10.74 -16.15
CA LEU A 665 11.02 -10.41 -15.19
C LEU A 665 11.44 -10.72 -13.79
N TYR A 666 12.05 -11.90 -13.60
CA TYR A 666 12.46 -12.31 -12.28
C TYR A 666 13.42 -11.24 -11.69
N LYS A 667 14.39 -10.86 -12.46
CA LYS A 667 15.37 -9.85 -12.01
C LYS A 667 14.76 -8.47 -11.71
N ARG A 668 13.85 -8.01 -12.57
CA ARG A 668 13.18 -6.73 -12.39
C ARG A 668 12.30 -6.76 -11.15
N ALA A 669 11.55 -7.85 -10.98
CA ALA A 669 10.67 -8.06 -9.83
C ALA A 669 11.45 -8.11 -8.50
N THR A 670 12.59 -8.80 -8.53
CA THR A 670 13.46 -8.94 -7.38
C THR A 670 13.88 -7.58 -6.85
N ALA A 671 14.30 -6.70 -7.76
CA ALA A 671 14.77 -5.38 -7.39
C ALA A 671 13.69 -4.53 -6.75
N ALA A 673 10.96 -5.69 -5.32
CA ALA A 673 10.55 -6.39 -4.11
C ALA A 673 11.49 -6.10 -2.93
N ALA A 674 12.80 -6.01 -3.20
CA ALA A 674 13.78 -5.71 -2.18
C ALA A 674 13.61 -4.27 -1.61
N PHE A 675 13.03 -3.40 -2.41
CA PHE A 675 12.72 -2.02 -2.04
C PHE A 675 11.22 -1.80 -1.88
N ALA A 676 10.53 -2.80 -1.35
CA ALA A 676 9.09 -2.72 -1.08
C ALA A 676 8.89 -2.95 0.41
N PRO A 677 7.68 -2.65 0.94
CA PRO A 677 7.56 -2.82 2.39
C PRO A 677 7.81 -4.24 2.92
N ILE A 678 7.25 -5.23 2.24
CA ILE A 678 7.42 -6.63 2.61
C ILE A 678 7.91 -7.39 1.36
N GLN A 680 8.62 -11.01 -0.47
CA GLN A 680 8.15 -12.39 -0.36
C GLN A 680 7.99 -13.04 -1.71
N PHE A 681 8.54 -14.25 -1.86
CA PHE A 681 8.28 -15.07 -3.06
C PHE A 681 7.29 -16.17 -2.73
N HIS A 682 6.56 -16.63 -3.73
CA HIS A 682 5.48 -17.62 -3.56
C HIS A 682 5.10 -18.26 -4.89
N SER A 683 4.42 -19.39 -4.85
CA SER A 683 4.02 -20.10 -6.06
C SER A 683 2.75 -20.88 -5.79
N GLU A 684 1.95 -21.07 -6.84
CA GLU A 684 0.61 -21.63 -6.70
C GLU A 684 0.51 -23.14 -6.70
N LYS A 685 1.25 -23.77 -7.60
CA LYS A 685 1.13 -25.22 -7.84
C LYS A 685 1.41 -26.10 -6.65
N SER A 686 0.55 -27.11 -6.47
CA SER A 686 0.65 -27.97 -5.29
C SER A 686 1.64 -29.12 -5.47
N ASP A 687 1.82 -29.61 -6.69
CA ASP A 687 2.74 -30.71 -6.90
C ASP A 687 3.22 -30.74 -8.34
N PRO A 688 3.89 -29.67 -8.78
CA PRO A 688 4.31 -29.66 -10.17
C PRO A 688 5.66 -30.34 -10.41
N SER A 689 5.91 -30.65 -11.68
CA SER A 689 7.20 -31.16 -12.10
C SER A 689 7.41 -30.55 -13.50
N PRO A 690 8.43 -29.70 -13.66
CA PRO A 690 9.42 -29.29 -12.67
C PRO A 690 8.86 -28.33 -11.65
N SER A 691 9.63 -28.08 -10.60
CA SER A 691 9.21 -27.15 -9.53
C SER A 691 8.80 -25.81 -10.05
N GLU A 692 7.80 -25.20 -9.39
CA GLU A 692 7.32 -23.85 -9.69
C GLU A 692 7.80 -22.81 -8.68
N GLU A 693 8.69 -23.19 -7.77
CA GLU A 693 9.18 -22.23 -6.79
C GLU A 693 9.68 -20.96 -7.46
N ARG A 694 9.31 -19.83 -6.87
CA ARG A 694 9.85 -18.51 -7.28
C ARG A 694 11.09 -18.14 -6.45
N SER A 695 11.83 -19.18 -6.01
CA SER A 695 13.08 -18.97 -5.30
C SER A 695 14.17 -18.72 -6.33
N PRO A 696 15.27 -18.06 -5.90
CA PRO A 696 16.33 -17.75 -6.86
C PRO A 696 17.02 -18.98 -7.41
N TRP A 697 17.22 -20.00 -6.57
CA TRP A 697 17.84 -21.23 -7.01
C TRP A 697 16.96 -21.92 -8.05
N ASN A 698 15.64 -21.98 -7.81
CA ASN A 698 14.76 -22.60 -8.78
C ASN A 698 14.63 -21.74 -10.05
N ALA A 699 14.73 -20.41 -9.91
CA ALA A 699 14.65 -19.52 -11.07
C ALA A 699 15.85 -19.81 -12.00
N VAL A 700 17.04 -19.97 -11.39
CA VAL A 700 18.24 -20.35 -12.12
C VAL A 700 18.02 -21.70 -12.83
N ALA A 701 17.38 -22.64 -12.15
CA ALA A 701 17.15 -23.98 -12.72
C ALA A 701 16.19 -23.94 -13.88
N ARG A 702 15.07 -23.25 -13.72
CA ARG A 702 14.03 -23.14 -14.75
C ARG A 702 14.44 -22.33 -15.98
N THR A 703 15.15 -21.22 -15.79
CA THR A 703 15.53 -20.36 -16.92
C THR A 703 16.90 -20.67 -17.50
N GLY A 704 17.73 -21.39 -16.78
CA GLY A 704 19.09 -21.66 -17.21
C GLY A 704 20.02 -20.44 -17.05
N ASP A 705 19.55 -19.37 -16.42
CA ASP A 705 20.38 -18.16 -16.30
C ASP A 705 21.00 -18.09 -14.90
N GLU A 706 22.28 -18.44 -14.81
CA GLU A 706 22.97 -18.46 -13.53
C GLU A 706 23.13 -17.10 -12.89
N THR A 707 23.07 -16.04 -13.69
CA THR A 707 23.30 -14.67 -13.19
C THR A 707 22.12 -14.21 -12.32
N ILE A 708 21.01 -14.94 -12.36
CA ILE A 708 19.89 -14.60 -11.48
C ILE A 708 20.31 -14.62 -10.01
N LEU A 709 21.11 -15.61 -9.63
CA LEU A 709 21.50 -15.73 -8.23
C LEU A 709 22.28 -14.52 -7.67
N PRO A 710 23.40 -14.15 -8.32
CA PRO A 710 24.11 -12.96 -7.83
C PRO A 710 23.27 -11.67 -7.87
N THR A 711 22.38 -11.53 -8.85
CA THR A 711 21.49 -10.36 -8.87
C THR A 711 20.50 -10.40 -7.69
N PHE A 712 19.89 -11.57 -7.43
CA PHE A 712 18.98 -11.69 -6.30
C PHE A 712 19.75 -11.41 -5.00
N GLN A 713 20.94 -11.96 -4.88
CA GLN A 713 21.78 -11.76 -3.69
C GLN A 713 22.06 -10.29 -3.47
N LYS A 714 22.42 -9.58 -4.54
CA LYS A 714 22.71 -8.14 -4.44
C LYS A 714 21.55 -7.39 -3.78
N TYR A 715 20.33 -7.66 -4.24
CA TYR A 715 19.17 -6.95 -3.76
C TYR A 715 18.79 -7.40 -2.37
N LEU A 716 18.80 -8.70 -2.13
CA LEU A 716 18.51 -9.16 -0.75
C LEU A 716 19.52 -8.55 0.26
N TYR A 717 20.81 -8.61 -0.10
CA TYR A 717 21.85 -8.09 0.76
C TYR A 717 21.69 -6.61 0.96
N THR A 718 21.29 -5.89 -0.10
CA THR A 718 21.11 -4.43 0.03
C THR A 718 19.95 -4.14 0.97
N ARG A 719 18.89 -4.92 0.89
CA ARG A 719 17.76 -4.75 1.79
C ARG A 719 18.19 -4.94 3.22
N ASN A 721 21.27 -4.58 4.36
CA ASN A 721 22.10 -3.41 4.69
C ASN A 721 21.20 -2.25 5.11
N LEU A 722 20.04 -2.10 4.45
CA LEU A 722 19.13 -1.01 4.73
C LEU A 722 18.11 -1.32 5.81
N LEU A 723 18.20 -2.49 6.45
CA LEU A 723 17.20 -2.86 7.45
C LEU A 723 17.01 -1.83 8.59
N PRO A 724 18.08 -1.16 9.09
CA PRO A 724 17.84 -0.10 10.11
C PRO A 724 16.93 1.04 9.61
N TYR A 725 17.13 1.43 8.36
CA TYR A 725 16.32 2.47 7.73
C TYR A 725 14.90 1.98 7.48
N ILE A 726 14.80 0.78 6.96
CA ILE A 726 13.50 0.18 6.69
C ILE A 726 12.68 -0.03 7.95
N TYR A 727 13.31 -0.54 9.02
CA TYR A 727 12.59 -0.75 10.26
C TYR A 727 12.20 0.56 10.94
N THR A 728 13.04 1.59 10.85
CA THR A 728 12.65 2.90 11.37
C THR A 728 11.42 3.43 10.61
N ALA A 729 11.39 3.18 9.29
CA ALA A 729 10.24 3.58 8.45
C ALA A 729 8.97 2.83 8.92
N ALA A 730 9.15 1.55 9.27
CA ALA A 730 8.02 0.73 9.75
C ALA A 730 7.44 1.33 11.04
N LYS A 731 8.33 1.77 11.91
CA LYS A 731 7.92 2.45 13.15
C LYS A 731 7.21 3.78 12.83
N ASP A 732 7.73 4.54 11.87
CA ASP A 732 7.09 5.82 11.46
C ASP A 732 5.65 5.59 10.95
N THR A 733 5.41 4.47 10.28
CA THR A 733 4.05 4.15 9.89
C THR A 733 3.17 4.02 11.14
N ALA A 734 3.61 3.20 12.09
CA ALA A 734 2.84 2.90 13.28
C ALA A 734 2.55 4.13 14.13
N ASP A 735 3.54 5.00 14.26
CA ASP A 735 3.41 6.18 15.12
C ASP A 735 2.79 7.39 14.44
N ASN A 736 3.14 7.63 13.16
CA ASN A 736 2.79 8.83 12.45
C ASN A 736 1.99 8.70 11.14
N GLY A 737 1.56 7.50 10.84
CA GLY A 737 0.72 7.24 9.67
C GLY A 737 1.38 7.42 8.33
N LYS A 738 2.71 7.54 8.31
CA LYS A 738 3.45 7.69 7.08
C LYS A 738 3.77 6.29 6.52
N SER A 739 3.17 5.96 5.39
CA SER A 739 3.35 4.65 4.79
C SER A 739 4.78 4.52 4.29
N ARG A 742 5.30 5.09 -1.00
CA ARG A 742 4.31 6.11 -1.36
C ARG A 742 4.42 6.64 -2.78
N GLN A 743 3.25 6.83 -3.36
CA GLN A 743 3.06 7.41 -4.66
C GLN A 743 3.60 8.86 -4.54
N ALA A 745 2.83 11.85 -5.53
CA ALA A 745 1.97 12.98 -5.14
C ALA A 745 1.68 13.01 -3.62
N ASP A 747 4.00 12.98 -1.35
CA ASP A 747 4.99 13.90 -0.85
C ASP A 747 5.04 15.23 -1.59
N TYR A 748 4.59 15.23 -2.85
CA TYR A 748 4.64 16.43 -3.70
C TYR A 748 3.30 16.67 -4.38
N PRO A 749 2.28 17.04 -3.59
CA PRO A 749 0.93 17.13 -4.17
C PRO A 749 0.72 18.26 -5.16
N GLU A 750 1.54 19.32 -5.06
CA GLU A 750 1.40 20.46 -5.95
C GLU A 750 2.11 20.24 -7.28
N ASP A 751 2.99 19.26 -7.31
CA ASP A 751 3.83 19.05 -8.48
C ASP A 751 3.04 18.38 -9.59
N VAL A 752 2.69 19.15 -10.61
CA VAL A 752 1.92 18.59 -11.73
C VAL A 752 2.58 17.40 -12.45
N ASN A 753 3.89 17.25 -12.37
CA ASN A 753 4.52 16.07 -12.98
C ASN A 753 4.42 14.78 -12.15
N ALA A 754 4.05 14.90 -10.87
CA ALA A 754 3.98 13.76 -9.96
C ALA A 754 2.61 13.11 -9.90
N ARG A 755 1.61 13.74 -10.50
CA ARG A 755 0.23 13.32 -10.31
C ARG A 755 -0.16 11.91 -10.69
N ASP A 756 0.35 11.43 -11.80
CA ASP A 756 -0.08 10.14 -12.36
C ASP A 756 1.01 9.07 -12.39
N LEU A 757 2.15 9.38 -11.78
CA LEU A 757 3.29 8.45 -11.79
C LEU A 757 2.97 7.13 -11.05
N ASP A 758 3.14 6.04 -11.77
CA ASP A 758 2.89 4.73 -11.24
C ASP A 758 4.06 3.73 -11.45
N GLU A 759 5.22 4.21 -11.88
CA GLU A 759 6.38 3.38 -12.10
C GLU A 759 7.61 3.86 -11.33
N GLN A 760 7.36 4.61 -10.25
CA GLN A 760 8.37 5.03 -9.32
C GLN A 760 7.66 5.40 -8.02
N TYR A 761 8.41 5.52 -6.95
CA TYR A 761 7.81 5.81 -5.64
C TYR A 761 8.86 6.21 -4.61
N PHE A 763 10.36 5.49 -0.83
CA PHE A 763 10.52 4.36 0.07
C PHE A 763 11.21 4.93 1.30
N GLY A 764 10.51 4.91 2.42
CA GLY A 764 11.00 5.62 3.61
C GLY A 764 10.88 7.10 3.27
N ASP A 765 11.55 7.97 4.03
CA ASP A 765 11.42 9.40 3.81
C ASP A 765 12.33 9.90 2.72
N ASP A 766 13.41 9.17 2.45
CA ASP A 766 14.52 9.69 1.68
C ASP A 766 14.89 9.01 0.37
N LEU A 767 14.29 7.86 0.06
CA LEU A 767 14.69 7.18 -1.16
C LEU A 767 13.64 7.23 -2.23
N LEU A 768 14.08 7.55 -3.45
CA LEU A 768 13.24 7.57 -4.63
C LEU A 768 13.63 6.32 -5.43
N VAL A 769 12.71 5.38 -5.57
CA VAL A 769 12.96 4.10 -6.25
C VAL A 769 12.20 4.09 -7.58
N ALA A 770 12.86 3.67 -8.66
CA ALA A 770 12.24 3.68 -9.97
C ALA A 770 12.40 2.33 -10.64
N PRO A 771 11.55 1.36 -10.28
CA PRO A 771 11.67 0.06 -10.93
C PRO A 771 11.34 0.05 -12.41
N ILE A 772 11.97 -0.87 -13.13
CA ILE A 772 11.69 -1.07 -14.54
C ILE A 772 10.59 -2.13 -14.63
N VAL A 773 9.40 -1.71 -15.05
CA VAL A 773 8.22 -2.60 -15.09
C VAL A 773 7.69 -2.84 -16.50
N GLN A 774 8.54 -2.57 -17.49
CA GLN A 774 8.22 -2.76 -18.87
C GLN A 774 9.19 -3.75 -19.50
N GLU A 775 8.65 -4.77 -20.15
CA GLU A 775 9.45 -5.76 -20.84
C GLU A 775 10.36 -5.09 -21.88
N GLY A 776 11.62 -5.51 -21.88
CA GLY A 776 12.61 -5.04 -22.84
C GLY A 776 13.21 -3.68 -22.57
N GLN A 777 12.75 -3.01 -21.52
CA GLN A 777 13.17 -1.65 -21.28
C GLN A 777 14.54 -1.60 -20.63
N THR A 778 15.38 -0.70 -21.12
CA THR A 778 16.64 -0.40 -20.44
C THR A 778 16.86 1.11 -20.25
N GLU A 779 16.13 1.98 -20.94
CA GLU A 779 16.19 3.45 -20.70
C GLU A 779 14.98 3.81 -19.86
N LYS A 780 15.24 4.07 -18.59
CA LYS A 780 14.19 4.30 -17.63
C LYS A 780 14.02 5.79 -17.33
N GLU A 781 12.81 6.30 -17.53
CA GLU A 781 12.50 7.67 -17.18
C GLU A 781 12.27 7.76 -15.69
N VAL A 782 12.87 8.77 -15.08
CA VAL A 782 12.66 9.02 -13.67
C VAL A 782 12.30 10.49 -13.46
N TYR A 783 11.12 10.75 -12.92
CA TYR A 783 10.78 12.12 -12.59
C TYR A 783 11.39 12.46 -11.23
N LEU A 784 12.21 13.49 -11.21
CA LEU A 784 12.81 13.96 -10.02
C LEU A 784 12.14 15.24 -9.56
N PRO A 785 11.54 15.24 -8.36
CA PRO A 785 10.95 16.48 -7.89
C PRO A 785 12.02 17.45 -7.40
N GLU A 786 11.56 18.57 -6.85
CA GLU A 786 12.45 19.60 -6.35
C GLU A 786 13.52 19.06 -5.46
N GLY A 787 14.70 19.65 -5.59
CA GLY A 787 15.86 19.32 -4.79
C GLY A 787 16.84 18.45 -5.54
N GLU A 788 17.98 18.20 -4.94
CA GLU A 788 19.02 17.40 -5.55
C GLU A 788 18.87 15.93 -5.16
N TRP A 789 19.10 15.03 -6.11
CA TRP A 789 18.96 13.57 -5.91
C TRP A 789 20.26 12.85 -6.27
N VAL A 790 20.75 12.04 -5.33
CA VAL A 790 22.03 11.33 -5.54
C VAL A 790 21.82 9.83 -5.65
N ASP A 791 22.35 9.26 -6.73
CA ASP A 791 22.32 7.85 -7.02
C ASP A 791 23.04 7.13 -5.84
N ILE A 792 22.31 6.27 -5.13
CA ILE A 792 22.89 5.62 -3.94
C ILE A 792 23.92 4.57 -4.25
N TRP A 793 23.96 4.13 -5.50
CA TRP A 793 24.89 3.11 -5.89
C TRP A 793 26.27 3.64 -6.33
N ASN A 794 26.31 4.83 -6.92
CA ASN A 794 27.54 5.34 -7.52
C ASN A 794 27.86 6.80 -7.30
N GLY A 795 26.96 7.53 -6.62
CA GLY A 795 27.22 8.93 -6.31
C GLY A 795 26.89 9.93 -7.42
N GLY A 796 26.25 9.51 -8.50
CA GLY A 796 25.87 10.43 -9.58
C GLY A 796 24.85 11.45 -9.05
N VAL A 797 25.09 12.71 -9.33
CA VAL A 797 24.26 13.79 -8.82
C VAL A 797 23.26 14.25 -9.89
N HIS A 798 21.98 14.32 -9.50
CA HIS A 798 20.91 14.70 -10.42
C HIS A 798 20.03 15.82 -9.83
N PRO A 799 20.12 17.03 -10.40
CA PRO A 799 19.23 18.10 -9.91
C PRO A 799 17.76 17.81 -10.20
N GLY A 800 16.90 18.24 -9.29
CA GLY A 800 15.48 17.98 -9.43
C GLY A 800 14.71 18.89 -10.36
N GLY A 801 13.44 18.57 -10.53
CA GLY A 801 12.53 19.37 -11.33
C GLY A 801 12.51 19.01 -12.81
N GLU A 802 12.78 17.77 -13.14
N GLU A 802 12.79 17.76 -13.15
CA GLU A 802 12.70 17.31 -14.52
CA GLU A 802 12.74 17.31 -14.53
C GLU A 802 12.74 15.79 -14.57
C GLU A 802 12.74 15.79 -14.57
N THR A 803 12.46 15.25 -15.76
CA THR A 803 12.47 13.82 -15.96
C THR A 803 13.82 13.48 -16.58
N ILE A 804 14.56 12.57 -15.95
CA ILE A 804 15.86 12.16 -16.48
C ILE A 804 15.68 10.79 -17.13
N SER A 805 16.65 10.38 -17.94
CA SER A 805 16.68 9.08 -18.53
C SER A 805 17.89 8.35 -17.93
N TYR A 806 17.62 7.21 -17.29
CA TYR A 806 18.64 6.47 -16.56
C TYR A 806 18.84 5.17 -17.25
N TYR A 807 20.07 4.87 -17.65
CA TYR A 807 20.34 3.61 -18.31
C TYR A 807 20.42 2.51 -17.26
N ALA A 808 19.50 1.55 -17.33
CA ALA A 808 19.43 0.46 -16.37
C ALA A 808 19.37 -0.86 -17.09
N ASP A 809 20.48 -1.62 -17.02
CA ASP A 809 20.50 -2.96 -17.56
C ASP A 809 19.64 -3.83 -16.64
N VAL A 810 19.45 -5.07 -17.03
CA VAL A 810 18.56 -5.98 -16.33
C VAL A 810 18.92 -6.17 -14.84
N ASP A 811 20.17 -5.92 -14.47
CA ASP A 811 20.62 -6.07 -13.08
C ASP A 811 20.57 -4.79 -12.24
N THR A 812 20.08 -3.70 -12.82
CA THR A 812 20.22 -2.37 -12.22
C THR A 812 18.89 -1.74 -11.86
N LEU A 813 18.85 -1.08 -10.71
CA LEU A 813 17.66 -0.40 -10.22
C LEU A 813 18.02 1.02 -9.83
N PRO A 814 17.40 2.02 -10.47
CA PRO A 814 17.68 3.41 -10.10
C PRO A 814 17.07 3.71 -8.74
N VAL A 815 17.91 4.17 -7.82
CA VAL A 815 17.48 4.52 -6.45
C VAL A 815 18.27 5.76 -6.12
N PHE A 816 17.59 6.81 -5.64
CA PHE A 816 18.25 8.10 -5.34
C PHE A 816 17.92 8.58 -3.95
N ALA A 817 18.89 9.23 -3.31
CA ALA A 817 18.70 9.80 -1.98
C ALA A 817 18.38 11.30 -2.08
N LYS A 818 17.39 11.69 -1.30
CA LYS A 818 16.96 13.07 -1.19
C LYS A 818 18.04 13.93 -0.53
N ALA A 819 18.12 15.18 -0.91
CA ALA A 819 19.07 16.11 -0.31
C ALA A 819 18.84 16.18 1.21
N GLY A 820 19.92 16.09 1.99
CA GLY A 820 19.83 16.17 3.46
C GLY A 820 19.56 14.83 4.14
N ALA A 821 19.43 13.77 3.33
CA ALA A 821 19.13 12.45 3.84
C ALA A 821 20.21 11.96 4.77
N ILE A 822 19.74 11.25 5.81
CA ILE A 822 20.57 10.56 6.80
C ILE A 822 19.98 9.16 6.83
N ILE A 823 20.73 8.18 6.34
CA ILE A 823 20.22 6.82 6.17
C ILE A 823 21.04 5.80 6.99
N PRO A 824 20.42 5.16 8.00
CA PRO A 824 21.15 4.16 8.78
C PRO A 824 21.26 2.85 8.03
N ASN A 826 23.36 -1.25 8.06
CA ASN A 826 24.13 -2.27 8.76
C ASN A 826 25.08 -2.80 7.71
N THR A 828 29.06 -4.46 6.32
CA THR A 828 30.17 -5.35 6.64
C THR A 828 31.43 -4.47 6.66
N ASP A 829 32.58 -5.07 6.91
CA ASP A 829 33.86 -4.34 6.83
C ASP A 829 34.18 -3.86 5.38
N GLY A 830 33.45 -4.35 4.38
CA GLY A 830 33.62 -3.87 2.98
C GLY A 830 32.95 -2.49 2.76
N TYR A 831 31.95 -2.19 3.59
CA TYR A 831 31.22 -0.93 3.57
C TYR A 831 30.54 -0.53 2.22
N GLN A 832 30.21 -1.53 1.40
N GLN A 832 30.21 -1.51 1.39
CA GLN A 832 29.52 -1.31 0.15
CA GLN A 832 29.52 -1.22 0.14
C GLN A 832 28.10 -1.84 0.30
C GLN A 832 28.13 -1.87 0.23
N LEU A 833 27.16 -1.27 -0.46
CA LEU A 833 25.81 -1.79 -0.47
C LEU A 833 25.86 -3.08 -1.26
N GLY A 834 25.06 -4.05 -0.84
CA GLY A 834 25.00 -5.34 -1.53
C GLY A 834 25.99 -6.38 -1.02
N GLN A 835 26.55 -6.14 0.17
CA GLN A 835 27.49 -7.08 0.81
C GLN A 835 26.73 -7.76 1.94
N ASN A 836 26.82 -9.08 1.99
CA ASN A 836 26.00 -9.87 2.95
C ASN A 836 26.36 -9.68 4.43
N VAL A 837 25.43 -9.12 5.16
CA VAL A 837 25.60 -8.87 6.58
C VAL A 837 24.85 -9.98 7.38
N GLY A 838 24.15 -10.88 6.68
CA GLY A 838 23.40 -11.96 7.33
C GLY A 838 21.98 -11.57 7.69
N ASN A 839 21.40 -12.26 8.68
CA ASN A 839 20.04 -11.99 9.12
C ASN A 839 19.96 -11.91 10.66
N ASP A 840 21.02 -11.42 11.29
CA ASP A 840 21.04 -11.29 12.73
C ASP A 840 20.18 -10.04 13.02
N LEU A 841 19.10 -10.21 13.76
CA LEU A 841 18.23 -9.09 14.04
C LEU A 841 18.49 -8.47 15.43
N LYS A 842 19.44 -9.02 16.18
N LYS A 842 19.43 -9.05 16.16
CA LYS A 842 19.69 -8.56 17.54
CA LYS A 842 19.74 -8.67 17.55
C LYS A 842 21.04 -7.89 17.72
C LYS A 842 21.01 -7.84 17.71
N SER A 843 21.75 -7.64 16.62
CA SER A 843 23.00 -6.88 16.69
C SER A 843 23.33 -6.26 15.32
N TYR A 844 24.19 -5.25 15.32
CA TYR A 844 24.69 -4.68 14.08
C TYR A 844 26.12 -5.18 13.85
N ASP A 845 26.57 -5.14 12.60
CA ASP A 845 27.93 -5.43 12.27
C ASP A 845 28.61 -4.04 12.35
N ASN A 846 28.61 -3.26 11.27
CA ASN A 846 29.08 -1.85 11.34
C ASN A 846 27.87 -0.93 11.13
N LEU A 847 27.33 -0.39 12.22
CA LEU A 847 26.19 0.52 12.11
C LEU A 847 26.76 1.76 11.47
N THR A 848 26.16 2.16 10.35
CA THR A 848 26.66 3.24 9.51
C THR A 848 25.56 4.23 9.21
N PHE A 849 25.89 5.52 9.17
CA PHE A 849 24.94 6.54 8.72
C PHE A 849 25.45 7.22 7.46
N ARG A 850 24.74 6.94 6.37
CA ARG A 850 25.02 7.53 5.05
C ARG A 850 24.37 8.93 5.06
N VAL A 851 25.16 9.95 4.78
CA VAL A 851 24.70 11.34 4.84
C VAL A 851 24.94 12.15 3.54
N TYR A 852 23.89 12.79 3.04
CA TYR A 852 23.99 13.68 1.87
C TYR A 852 23.73 15.09 2.39
N PRO A 853 24.79 15.81 2.80
CA PRO A 853 24.58 17.12 3.42
C PRO A 853 23.93 18.16 2.53
N SER A 854 22.95 18.85 3.10
CA SER A 854 22.23 19.93 2.46
C SER A 854 21.50 20.71 3.55
N GLY A 855 22.03 21.87 3.90
CA GLY A 855 21.47 22.68 4.97
C GLY A 855 21.50 21.92 6.27
N ASP A 856 20.50 22.17 7.11
CA ASP A 856 20.39 21.50 8.40
C ASP A 856 19.37 20.37 8.31
N SER A 857 19.81 19.16 8.58
CA SER A 857 18.92 18.01 8.55
C SER A 857 18.98 17.24 9.86
N GLU A 858 17.90 16.52 10.15
N GLU A 858 17.94 16.47 10.11
CA GLU A 858 17.73 15.81 11.41
CA GLU A 858 17.83 15.71 11.32
C GLU A 858 16.99 14.50 11.16
C GLU A 858 17.17 14.41 10.98
N TYR A 859 17.39 13.42 11.85
CA TYR A 859 16.75 12.10 11.68
C TYR A 859 16.64 11.42 13.05
N SER A 860 15.51 10.77 13.27
N SER A 860 15.51 10.77 13.30
CA SER A 860 15.27 10.03 14.48
CA SER A 860 15.31 10.03 14.54
C SER A 860 15.42 8.56 14.11
C SER A 860 15.37 8.54 14.25
N PHE A 861 16.50 7.93 14.60
CA PHE A 861 16.74 6.51 14.36
C PHE A 861 16.12 5.63 15.46
N TYR A 862 15.36 4.62 15.03
CA TYR A 862 14.78 3.63 15.98
C TYR A 862 15.81 2.50 16.21
N ASP A 863 16.55 2.62 17.29
CA ASP A 863 17.59 1.64 17.62
C ASP A 863 16.94 0.48 18.36
N ASP A 864 16.27 -0.38 17.60
CA ASP A 864 15.58 -1.53 18.20
C ASP A 864 16.58 -2.54 18.79
N VAL A 865 17.78 -2.65 18.22
CA VAL A 865 18.82 -3.56 18.74
C VAL A 865 19.16 -3.19 20.18
N ASN A 866 19.18 -1.89 20.49
CA ASN A 866 19.56 -1.43 21.82
C ASN A 866 18.36 -0.92 22.59
N GLY A 867 17.35 -1.74 22.74
CA GLY A 867 16.21 -1.38 23.60
C GLY A 867 15.13 -0.49 22.99
N GLY A 868 15.18 -0.25 21.69
CA GLY A 868 14.20 0.61 21.03
C GLY A 868 14.40 2.08 21.36
N GLU A 869 15.61 2.47 21.77
CA GLU A 869 15.91 3.86 22.07
C GLU A 869 15.90 4.70 20.79
N ARG A 871 17.41 7.51 18.63
CA ARG A 871 18.71 8.20 18.51
C ARG A 871 18.49 9.40 17.56
N ASP A 872 18.55 10.62 18.09
CA ASP A 872 18.38 11.84 17.28
C ASP A 872 19.72 12.34 16.74
N ILE A 873 19.89 12.22 15.44
CA ILE A 873 21.11 12.60 14.75
C ILE A 873 20.84 13.89 14.01
N SER A 874 21.77 14.84 14.04
N SER A 874 21.81 14.81 14.04
CA SER A 874 21.58 16.06 13.25
CA SER A 874 21.67 16.08 13.34
C SER A 874 22.85 16.39 12.49
C SER A 874 22.88 16.33 12.46
N VAL A 875 22.65 16.94 11.29
CA VAL A 875 23.75 17.30 10.39
C VAL A 875 23.57 18.76 9.99
N SER A 876 24.65 19.52 10.10
CA SER A 876 24.62 20.91 9.67
C SER A 876 25.64 21.10 8.53
N GLU A 877 25.16 21.26 7.32
CA GLU A 877 26.01 21.47 6.15
C GLU A 877 26.38 22.95 6.06
N ASP A 878 27.68 23.21 5.97
CA ASP A 878 28.22 24.58 5.85
C ASP A 878 29.40 24.64 4.85
N PHE A 879 29.14 24.13 3.64
CA PHE A 879 30.13 24.17 2.57
C PHE A 879 30.63 25.60 2.26
N ALA A 880 29.82 26.63 2.53
CA ALA A 880 30.24 28.01 2.33
C ALA A 880 31.53 28.27 3.11
N ASN A 881 31.66 27.60 4.25
CA ASN A 881 32.86 27.67 5.08
C ASN A 881 33.61 26.35 5.07
N GLU A 882 33.38 25.52 4.06
CA GLU A 882 34.05 24.24 3.91
C GLU A 882 33.95 23.28 5.12
N LYS A 883 32.77 23.23 5.72
CA LYS A 883 32.53 22.36 6.88
C LYS A 883 31.21 21.63 6.82
N VAL A 884 31.20 20.43 7.39
CA VAL A 884 29.97 19.66 7.62
C VAL A 884 30.12 19.19 9.06
N SER A 885 29.09 19.44 9.87
CA SER A 885 29.08 19.07 11.27
C SER A 885 28.01 18.03 11.53
N VAL A 886 28.37 17.03 12.35
CA VAL A 886 27.43 15.99 12.72
C VAL A 886 27.34 15.94 14.23
N ASP A 887 26.12 16.03 14.74
CA ASP A 887 25.90 15.89 16.15
C ASP A 887 25.38 14.48 16.39
N LEU A 888 26.27 13.63 16.90
CA LEU A 888 25.97 12.23 17.16
C LEU A 888 25.49 12.08 18.61
N PRO A 889 24.33 11.45 18.80
CA PRO A 889 23.90 11.28 20.19
C PRO A 889 24.67 10.13 20.83
N ALA A 890 24.45 9.90 22.11
CA ALA A 890 25.03 8.75 22.78
C ALA A 890 24.62 7.47 22.01
N ALA A 892 25.24 2.99 21.69
CA ALA A 892 25.71 1.80 22.37
C ALA A 892 26.86 1.15 21.59
N ASP A 893 26.93 1.43 20.30
CA ASP A 893 27.88 0.80 19.41
C ASP A 893 28.79 1.83 18.73
N GLU A 894 29.90 1.33 18.19
CA GLU A 894 30.80 2.11 17.37
C GLU A 894 29.95 2.57 16.18
N THR A 895 30.20 3.79 15.70
CA THR A 895 29.43 4.35 14.58
C THR A 895 30.33 4.81 13.45
N THR A 896 29.90 4.50 12.23
CA THR A 896 30.59 4.97 11.01
C THR A 896 29.69 5.96 10.23
N GLN A 898 29.19 8.00 6.67
CA GLN A 898 29.65 8.02 5.23
C GLN A 898 29.08 9.31 4.67
N VAL A 899 29.88 10.37 4.64
CA VAL A 899 29.39 11.69 4.26
C VAL A 899 29.77 11.99 2.80
N PHE A 900 28.77 12.31 1.98
CA PHE A 900 28.97 12.64 0.56
C PHE A 900 29.60 14.04 0.50
N SER A 901 30.86 14.10 0.13
CA SER A 901 31.62 15.34 0.10
C SER A 901 32.94 15.10 -0.59
N THR A 902 33.72 16.17 -0.80
CA THR A 902 35.07 16.04 -1.28
C THR A 902 35.89 15.61 -0.05
N GLU A 903 37.17 15.33 -0.25
CA GLU A 903 38.05 14.83 0.84
C GLU A 903 38.45 15.91 1.85
N PRO A 904 38.23 15.65 3.16
CA PRO A 904 38.57 16.64 4.17
C PRO A 904 40.04 16.87 4.31
N THR A 905 40.40 18.04 4.84
CA THR A 905 41.77 18.33 5.17
C THR A 905 42.01 17.85 6.61
N SER A 906 40.94 17.77 7.42
CA SER A 906 41.02 17.22 8.77
C SER A 906 39.61 16.92 9.27
N VAL A 907 39.51 16.00 10.23
CA VAL A 907 38.25 15.63 10.86
C VAL A 907 38.47 15.67 12.37
N THR A 908 37.54 16.29 13.10
CA THR A 908 37.65 16.33 14.56
C THR A 908 36.40 15.72 15.20
N ILE A 909 36.59 15.12 16.37
CA ILE A 909 35.51 14.61 17.21
C ILE A 909 35.73 15.30 18.57
N ASP A 910 34.74 16.07 19.01
CA ASP A 910 34.84 16.86 20.24
C ASP A 910 36.09 17.74 20.23
N GLY A 911 36.44 18.24 19.05
CA GLY A 911 37.58 19.16 18.90
C GLY A 911 38.94 18.51 18.73
N ALA A 912 39.02 17.21 18.97
CA ALA A 912 40.29 16.50 18.81
C ALA A 912 40.38 15.88 17.41
N ASP A 913 41.51 16.13 16.73
CA ASP A 913 41.72 15.52 15.42
C ASP A 913 41.72 13.99 15.52
N VAL A 914 41.15 13.36 14.51
CA VAL A 914 41.17 11.91 14.38
C VAL A 914 42.03 11.61 13.14
N ALA A 915 42.71 10.47 13.18
CA ALA A 915 43.70 10.10 12.18
C ALA A 915 43.17 9.69 10.84
N LYS A 916 43.83 10.14 9.79
CA LYS A 916 43.47 9.75 8.45
C LYS A 916 43.99 8.33 8.23
N ALA A 917 43.10 7.42 7.83
CA ALA A 917 43.43 6.06 7.46
C ALA A 917 43.63 6.08 5.95
N ASP A 918 44.76 5.56 5.47
CA ASP A 918 45.07 5.54 4.04
C ASP A 918 44.34 4.48 3.27
N THR A 919 43.99 3.37 3.92
CA THR A 919 43.28 2.30 3.25
C THR A 919 42.08 1.86 4.06
N LEU A 920 41.21 1.08 3.44
CA LEU A 920 40.04 0.58 4.15
C LEU A 920 40.50 -0.31 5.31
N ASP A 921 41.52 -1.16 5.07
CA ASP A 921 42.03 -2.03 6.11
C ASP A 921 42.45 -1.25 7.34
N ALA A 922 43.23 -0.18 7.14
CA ALA A 922 43.67 0.69 8.23
C ALA A 922 42.46 1.28 8.98
N PHE A 923 41.45 1.76 8.24
CA PHE A 923 40.25 2.34 8.84
C PHE A 923 39.57 1.29 9.73
N ASN A 924 39.48 0.06 9.23
CA ASN A 924 38.84 -1.02 9.99
C ASN A 924 39.59 -1.36 11.28
N GLU A 925 40.92 -1.28 11.25
CA GLU A 925 41.76 -1.51 12.43
C GLU A 925 41.72 -0.38 13.46
N ALA A 926 41.47 0.84 12.99
CA ALA A 926 41.47 1.99 13.87
C ALA A 926 40.26 1.98 14.79
N THR A 927 40.38 2.59 15.96
N THR A 927 40.40 2.60 15.95
CA THR A 927 39.24 2.71 16.87
CA THR A 927 39.29 2.73 16.89
C THR A 927 38.45 3.98 16.52
C THR A 927 38.48 3.98 16.54
N THR A 928 39.14 4.98 15.98
CA THR A 928 38.51 6.23 15.52
C THR A 928 39.39 6.70 14.37
N GLY A 929 38.82 7.51 13.48
CA GLY A 929 39.57 8.00 12.32
C GLY A 929 38.65 8.31 11.16
N TYR A 930 39.26 8.65 10.03
CA TYR A 930 38.52 8.91 8.82
C TYR A 930 39.27 8.33 7.61
N TYR A 931 38.49 8.09 6.56
CA TYR A 931 38.97 7.48 5.32
C TYR A 931 38.14 8.04 4.17
N TYR A 932 38.78 8.27 3.03
CA TYR A 932 38.08 8.80 1.87
C TYR A 932 38.01 7.78 0.75
N ASP A 933 36.78 7.51 0.30
CA ASP A 933 36.46 6.57 -0.77
C ASP A 933 36.34 7.42 -2.03
N THR A 934 37.37 7.39 -2.86
CA THR A 934 37.40 8.25 -4.05
C THR A 934 36.39 7.82 -5.10
N VAL A 935 35.99 6.55 -5.10
CA VAL A 935 35.07 6.04 -6.09
C VAL A 935 33.64 6.54 -5.83
N GLN A 936 33.23 6.53 -4.57
CA GLN A 936 31.88 6.95 -4.16
C GLN A 936 31.82 8.40 -3.70
N ASN A 937 33.00 9.03 -3.56
CA ASN A 937 33.09 10.36 -2.99
C ASN A 937 32.43 10.42 -1.62
N LEU A 938 32.82 9.47 -0.76
CA LEU A 938 32.31 9.39 0.61
C LEU A 938 33.45 9.44 1.61
N THR A 939 33.28 10.31 2.60
CA THR A 939 34.18 10.41 3.72
C THR A 939 33.63 9.50 4.84
N TYR A 940 34.39 8.47 5.19
CA TYR A 940 34.02 7.59 6.31
C TYR A 940 34.59 8.21 7.58
N VAL A 941 33.78 8.26 8.65
CA VAL A 941 34.27 8.75 9.95
C VAL A 941 33.81 7.75 11.02
N LYS A 942 34.75 7.22 11.78
CA LYS A 942 34.45 6.28 12.84
C LYS A 942 34.56 6.93 14.19
N ALA A 943 33.50 6.82 14.98
CA ALA A 943 33.42 7.36 16.33
C ALA A 943 33.16 6.19 17.27
N ALA A 944 33.87 6.20 18.39
CA ALA A 944 33.72 5.18 19.42
C ALA A 944 32.36 5.31 20.10
N ALA A 945 31.90 4.23 20.73
CA ALA A 945 30.65 4.26 21.47
C ALA A 945 30.91 5.09 22.73
N LYS A 946 30.03 6.04 23.02
CA LYS A 946 30.14 6.85 24.22
C LYS A 946 28.75 7.12 24.77
N ASP A 947 28.67 7.27 26.08
CA ASP A 947 27.40 7.59 26.76
C ASP A 947 27.20 9.09 26.82
N ALA A 948 27.72 9.81 25.84
CA ALA A 948 27.54 11.25 25.73
C ALA A 948 27.52 11.59 24.25
N LYS A 949 26.93 12.73 23.91
CA LYS A 949 26.91 13.20 22.52
C LYS A 949 28.33 13.48 22.08
N GLN A 950 28.59 13.30 20.79
CA GLN A 950 29.89 13.61 20.22
C GLN A 950 29.71 14.56 19.02
N ALA A 951 30.49 15.64 18.98
CA ALA A 951 30.44 16.65 17.93
C ALA A 951 31.51 16.33 16.88
N ILE A 952 31.09 15.87 15.72
CA ILE A 952 32.00 15.54 14.62
C ILE A 952 32.03 16.68 13.60
N VAL A 953 33.23 17.09 13.19
CA VAL A 953 33.37 18.14 12.18
C VAL A 953 34.35 17.73 11.10
N LEU A 954 33.91 17.80 9.85
CA LEU A 954 34.76 17.58 8.70
C LEU A 954 35.17 18.97 8.22
N ASN A 955 36.48 19.21 8.14
CA ASN A 955 37.02 20.50 7.70
C ASN A 955 37.58 20.44 6.31
N GLY A 956 37.57 21.60 5.62
CA GLY A 956 38.05 21.70 4.25
C GLY A 956 37.30 20.88 3.22
N VAL A 957 36.01 20.60 3.47
CA VAL A 957 35.20 19.82 2.53
C VAL A 957 34.25 20.71 1.73
N ASN A 958 34.01 20.27 0.50
CA ASN A 958 33.04 20.88 -0.39
C ASN A 958 32.05 19.85 -0.84
N HIS A 959 31.00 20.31 -1.51
CA HIS A 959 29.99 19.43 -2.08
C HIS A 959 30.75 18.42 -2.95
N ALA A 960 30.31 17.16 -2.95
CA ALA A 960 30.97 16.12 -3.71
C ALA A 960 31.12 16.52 -5.17
N PRO A 961 32.17 16.03 -5.82
CA PRO A 961 32.34 16.38 -7.20
C PRO A 961 31.22 15.90 -8.10
N TYR A 962 31.05 16.65 -9.19
CA TYR A 962 30.19 16.27 -10.29
C TYR A 962 31.15 15.56 -11.26
N GLU A 963 31.03 14.25 -11.32
CA GLU A 963 31.90 13.42 -12.13
C GLU A 963 31.62 13.60 -13.62
N ALA A 964 32.68 13.86 -14.36
CA ALA A 964 32.55 14.05 -15.78
C ALA A 964 31.92 12.83 -16.44
N GLU A 965 32.28 11.65 -15.95
CA GLU A 965 31.81 10.41 -16.56
C GLU A 965 30.31 10.19 -16.35
N PHE A 966 29.71 10.96 -15.43
CA PHE A 966 28.28 10.93 -15.22
C PHE A 966 27.56 12.13 -15.87
N GLY A 967 28.27 13.00 -16.60
CA GLY A 967 27.60 14.10 -17.29
C GLY A 967 26.91 13.63 -18.58
N HIS A 968 26.22 14.56 -19.24
N HIS A 968 26.20 14.54 -19.24
CA HIS A 968 25.60 14.28 -20.53
CA HIS A 968 25.58 14.18 -20.50
C HIS A 968 26.73 14.35 -21.54
C HIS A 968 26.67 14.35 -21.55
N LEU A 969 27.02 13.24 -22.20
CA LEU A 969 28.10 13.19 -23.15
C LEU A 969 27.63 13.17 -24.59
N THR A 970 28.32 13.93 -25.42
CA THR A 970 28.06 13.99 -26.86
C THR A 970 29.35 13.71 -27.59
N ASN A 971 29.36 12.63 -28.37
CA ASN A 971 30.50 12.20 -29.20
C ASN A 971 31.83 12.01 -28.46
N VAL A 972 31.76 11.63 -27.19
CA VAL A 972 32.93 11.41 -26.41
C VAL A 972 32.66 10.22 -25.49
N THR A 973 33.70 9.47 -25.12
CA THR A 973 33.52 8.30 -24.26
C THR A 973 34.34 8.40 -22.97
N THR A 974 34.10 7.45 -22.08
CA THR A 974 34.80 7.41 -20.80
C THR A 974 35.90 6.35 -20.78
N ALA A 975 36.84 6.50 -19.84
CA ALA A 975 37.88 5.50 -19.64
C ALA A 975 38.33 5.51 -18.17
N SER A 976 39.09 4.49 -17.78
CA SER A 976 39.61 4.35 -16.42
C SER A 976 41.09 3.94 -16.42
N ASP A 977 41.79 4.18 -17.53
CA ASP A 977 43.14 3.66 -17.71
C ASP A 977 44.32 4.59 -17.35
N HIS A 978 44.08 5.55 -16.47
CA HIS A 978 45.13 6.35 -15.87
C HIS A 978 44.71 6.55 -14.43
N ALA A 979 45.56 6.17 -13.51
CA ALA A 979 45.22 6.21 -12.08
C ALA A 979 45.07 7.61 -11.51
N GLY A 980 44.31 7.75 -10.43
CA GLY A 980 44.20 9.05 -9.73
C GLY A 980 42.87 9.81 -9.82
N TYR A 981 42.01 9.39 -10.74
CA TYR A 981 40.68 10.00 -10.92
C TYR A 981 39.77 9.73 -9.72
N THR A 982 38.75 10.59 -9.56
CA THR A 982 37.70 10.38 -8.59
C THR A 982 36.57 9.72 -9.37
N GLY A 983 35.62 9.09 -8.67
CA GLY A 983 34.53 8.42 -9.34
C GLY A 983 35.01 7.12 -9.97
N THR A 984 34.37 6.76 -11.08
CA THR A 984 34.70 5.53 -11.76
C THR A 984 35.70 5.70 -12.88
N GLY A 985 36.00 6.93 -13.21
CA GLY A 985 36.94 7.19 -14.28
C GLY A 985 36.92 8.63 -14.72
N PHE A 986 36.93 8.82 -16.04
CA PHE A 986 37.00 10.15 -16.64
C PHE A 986 36.52 10.11 -18.06
N VAL A 987 36.26 11.29 -18.61
CA VAL A 987 35.93 11.46 -20.01
C VAL A 987 37.30 11.53 -20.72
N ALA A 988 37.46 10.69 -21.72
CA ALA A 988 38.75 10.56 -22.43
C ALA A 988 38.83 11.33 -23.75
N GLY A 989 39.91 12.12 -23.91
CA GLY A 989 40.22 12.90 -25.14
C GLY A 989 39.49 14.24 -25.30
N PHE A 990 38.19 14.12 -25.54
CA PHE A 990 37.34 15.28 -25.62
C PHE A 990 38.01 16.34 -26.50
N ASP A 991 38.51 15.89 -27.64
CA ASP A 991 39.41 16.69 -28.47
C ASP A 991 38.98 16.97 -29.90
N ALA A 992 37.69 17.03 -30.18
CA ALA A 992 37.21 17.34 -31.53
C ALA A 992 35.92 18.15 -31.49
N GLU A 993 35.64 18.88 -32.57
CA GLU A 993 34.45 19.72 -32.60
C GLU A 993 33.20 18.88 -32.52
N LYS A 994 32.18 19.43 -31.86
CA LYS A 994 30.94 18.70 -31.60
C LYS A 994 31.01 17.74 -30.41
N GLU A 995 32.18 17.64 -29.77
CA GLU A 995 32.30 16.83 -28.57
C GLU A 995 31.94 17.74 -27.41
N ALA A 996 31.09 17.22 -26.51
CA ALA A 996 30.65 18.01 -25.37
C ALA A 996 30.40 17.15 -24.13
N VAL A 997 30.53 17.79 -22.97
CA VAL A 997 30.24 17.18 -21.69
C VAL A 997 29.37 18.20 -20.95
N GLU A 998 28.12 17.84 -20.67
CA GLU A 998 27.21 18.77 -20.00
C GLU A 998 26.84 18.33 -18.61
N PHE A 999 26.91 19.27 -17.66
CA PHE A 999 26.60 19.03 -16.28
C PHE A 999 25.34 19.77 -15.84
N ASP A 1000 24.62 19.18 -14.90
CA ASP A 1000 23.48 19.82 -14.25
C ASP A 1000 24.00 20.10 -12.86
N ILE A 1001 24.29 21.37 -12.57
CA ILE A 1001 24.89 21.78 -11.32
C ILE A 1001 24.02 22.69 -10.45
N ASP A 1002 23.85 22.30 -9.20
CA ASP A 1002 23.08 23.07 -8.22
C ASP A 1002 23.95 24.09 -7.50
N ALA A 1003 23.37 25.26 -7.28
CA ALA A 1003 24.03 26.31 -6.54
C ALA A 1003 23.98 25.86 -5.10
N VAL A 1004 25.15 25.65 -4.51
CA VAL A 1004 25.28 25.17 -3.14
C VAL A 1004 24.54 26.06 -2.11
N ASP A 1005 24.53 27.38 -2.31
CA ASP A 1005 23.85 28.35 -1.41
C ASP A 1005 23.07 29.51 -2.06
N GLY A 1006 22.28 29.20 -3.09
CA GLY A 1006 21.52 30.24 -3.77
C GLY A 1006 22.30 30.97 -4.86
N ALA A 1007 21.62 31.93 -5.48
CA ALA A 1007 22.17 32.69 -6.58
C ALA A 1007 23.39 33.45 -6.09
N SER A 1008 24.51 33.27 -6.77
CA SER A 1008 25.76 33.90 -6.37
C SER A 1008 26.84 33.55 -7.34
N ASP A 1009 27.97 34.23 -7.21
CA ASP A 1009 29.16 33.81 -7.93
C ASP A 1009 29.71 32.66 -7.08
N TYR A 1010 30.42 31.75 -7.75
CA TYR A 1010 31.07 30.59 -7.15
C TYR A 1010 32.38 30.37 -7.90
N THR A 1011 33.20 29.47 -7.36
CA THR A 1011 34.40 29.03 -8.03
C THR A 1011 34.17 27.58 -8.46
N GLU A 1013 36.07 24.26 -9.72
CA GLU A 1013 37.33 23.53 -9.92
C GLU A 1013 37.13 22.56 -11.09
N VAL A 1014 38.05 22.58 -12.04
CA VAL A 1014 38.04 21.66 -13.19
C VAL A 1014 39.28 20.74 -13.07
N ARG A 1015 39.04 19.46 -12.81
CA ARG A 1015 40.15 18.52 -12.63
C ARG A 1015 40.32 17.72 -13.89
N TYR A 1016 41.54 17.72 -14.40
CA TYR A 1016 41.85 17.14 -15.71
C TYR A 1016 43.32 16.71 -15.82
N SER A 1017 43.64 16.00 -16.90
CA SER A 1017 45.04 15.70 -17.26
C SER A 1017 45.23 16.13 -18.72
N ALA A 1018 46.42 16.60 -19.06
CA ALA A 1018 46.75 17.06 -20.41
C ALA A 1018 48.22 16.75 -20.58
N GLY A 1019 48.51 15.49 -20.85
CA GLY A 1019 49.89 15.02 -20.91
C GLY A 1019 50.80 15.54 -22.00
N VAL A 1020 50.24 16.00 -23.12
CA VAL A 1020 51.04 16.40 -24.27
C VAL A 1020 51.33 17.88 -24.39
N GLU A 1021 50.32 18.71 -24.10
CA GLU A 1021 50.43 20.16 -24.30
C GLU A 1021 49.29 20.93 -23.66
N ASP A 1022 49.46 22.25 -23.54
CA ASP A 1022 48.41 23.09 -22.97
C ASP A 1022 47.14 22.93 -23.79
N ALA A 1023 46.02 22.98 -23.09
CA ALA A 1023 44.71 22.81 -23.72
C ALA A 1023 43.81 23.98 -23.41
N THR A 1024 42.75 24.09 -24.20
CA THR A 1024 41.69 25.05 -23.92
C THR A 1024 40.36 24.40 -24.24
N ARG A 1025 39.34 24.76 -23.48
CA ARG A 1025 37.98 24.31 -23.71
C ARG A 1025 37.10 25.53 -23.48
N THR A 1026 35.88 25.46 -24.02
CA THR A 1026 34.92 26.53 -23.95
C THR A 1026 33.82 26.09 -23.02
N VAL A 1027 33.44 26.94 -22.07
CA VAL A 1027 32.39 26.56 -21.14
C VAL A 1027 31.23 27.58 -21.21
N TYR A 1028 30.01 27.06 -21.17
CA TYR A 1028 28.83 27.87 -21.14
C TYR A 1028 28.09 27.61 -19.82
N ILE A 1029 27.79 28.70 -19.11
CA ILE A 1029 27.10 28.65 -17.84
C ILE A 1029 25.77 29.33 -18.12
N ASN A 1030 24.71 28.53 -18.23
CA ASN A 1030 23.37 29.02 -18.58
C ASN A 1030 23.44 29.90 -19.81
N GLY A 1031 24.23 29.44 -20.78
CA GLY A 1031 24.41 30.09 -22.06
C GLY A 1031 25.50 31.15 -22.15
N LYS A 1032 26.15 31.50 -21.04
CA LYS A 1032 27.20 32.54 -21.04
C LYS A 1032 28.56 31.89 -21.19
N LYS A 1033 29.26 32.29 -22.22
CA LYS A 1033 30.50 31.63 -22.59
C LYS A 1033 31.74 32.19 -21.93
N GLN A 1034 32.69 31.30 -21.66
CA GLN A 1034 34.06 31.69 -21.27
C GLN A 1034 35.02 30.62 -21.77
N GLN A 1035 36.24 31.00 -22.15
CA GLN A 1035 37.21 30.01 -22.59
C GLN A 1035 38.10 29.72 -21.40
N ILE A 1036 38.46 28.46 -21.18
CA ILE A 1036 39.34 28.14 -20.05
C ILE A 1036 40.64 27.53 -20.54
N THR A 1037 41.72 27.90 -19.86
CA THR A 1037 43.05 27.38 -20.15
C THR A 1037 43.40 26.28 -19.15
N LEU A 1038 43.84 25.16 -19.70
CA LEU A 1038 44.19 23.98 -18.94
C LEU A 1038 45.66 23.63 -19.24
N PRO A 1039 46.60 24.13 -18.42
CA PRO A 1039 48.01 23.88 -18.70
C PRO A 1039 48.40 22.38 -18.74
N LYS A 1040 49.41 22.09 -19.54
CA LYS A 1040 49.95 20.75 -19.64
C LYS A 1040 50.29 20.17 -18.26
N THR A 1041 50.06 18.87 -18.10
CA THR A 1041 50.46 18.14 -16.90
C THR A 1041 51.72 17.36 -17.28
N ALA A 1042 52.48 16.90 -16.28
CA ALA A 1042 53.75 16.19 -16.54
C ALA A 1042 53.57 14.98 -17.48
N ASN A 1043 52.44 14.30 -17.33
CA ASN A 1043 52.10 13.13 -18.13
C ASN A 1043 50.63 12.85 -17.95
N TRP A 1044 50.13 11.77 -18.55
CA TRP A 1044 48.71 11.39 -18.43
C TRP A 1044 48.34 10.72 -17.11
N ASP A 1045 49.34 10.53 -16.24
CA ASP A 1045 49.10 9.97 -14.91
C ASP A 1045 49.14 11.06 -13.84
N THR A 1046 49.21 12.32 -14.28
CA THR A 1046 49.27 13.46 -13.39
C THR A 1046 48.07 14.35 -13.64
N TRP A 1047 47.32 14.63 -12.59
CA TRP A 1047 46.13 15.48 -12.67
C TRP A 1047 46.44 16.88 -12.14
N ASN A 1048 45.70 17.87 -12.63
CA ASN A 1048 45.80 19.26 -12.17
C ASN A 1048 44.39 19.80 -12.03
N THR A 1049 44.24 20.86 -11.24
CA THR A 1049 42.95 21.51 -11.06
C THR A 1049 43.05 23.01 -11.33
N VAL A 1050 42.22 23.56 -12.20
N VAL A 1050 42.18 23.53 -12.20
CA VAL A 1050 42.19 25.01 -12.42
CA VAL A 1050 42.10 24.95 -12.53
C VAL A 1050 40.85 25.49 -11.90
C VAL A 1050 40.80 25.51 -11.94
N GLU A 1051 40.86 26.68 -11.33
CA GLU A 1051 39.67 27.31 -10.76
C GLU A 1051 39.10 28.31 -11.78
N VAL A 1052 37.81 28.18 -12.04
CA VAL A 1052 37.09 29.02 -13.00
C VAL A 1052 35.98 29.80 -12.26
N PRO A 1053 35.96 31.14 -12.36
CA PRO A 1053 34.84 31.88 -11.72
C PRO A 1053 33.55 31.71 -12.53
N VAL A 1054 32.45 31.39 -11.85
CA VAL A 1054 31.17 31.20 -12.52
C VAL A 1054 30.09 31.96 -11.74
N THR A 1055 28.97 32.24 -12.39
CA THR A 1055 27.85 32.88 -11.72
C THR A 1055 26.72 31.91 -11.85
N LEU A 1056 26.18 31.47 -10.72
CA LEU A 1056 25.09 30.49 -10.72
C LEU A 1056 23.81 31.08 -10.15
N GLN A 1057 22.69 30.62 -10.69
CA GLN A 1057 21.36 31.03 -10.20
C GLN A 1057 20.94 29.94 -9.21
N ALA A 1058 19.90 30.21 -8.43
CA ALA A 1058 19.38 29.23 -7.47
C ALA A 1058 18.91 27.99 -8.22
N GLY A 1059 19.12 26.83 -7.64
CA GLY A 1059 18.68 25.59 -8.26
C GLY A 1059 19.64 25.07 -9.31
N ASN A 1060 19.07 24.41 -10.33
CA ASN A 1060 19.85 23.76 -11.39
C ASN A 1060 20.44 24.76 -12.35
N ASN A 1061 21.69 24.53 -12.71
CA ASN A 1061 22.41 25.36 -13.68
C ASN A 1061 23.00 24.47 -14.77
N GLN A 1062 22.83 24.89 -16.02
CA GLN A 1062 23.35 24.16 -17.17
C GLN A 1062 24.80 24.58 -17.36
N VAL A 1063 25.72 23.62 -17.26
CA VAL A 1063 27.17 23.92 -17.43
C VAL A 1063 27.65 23.03 -18.56
N VAL A 1064 27.92 23.61 -19.72
CA VAL A 1064 28.35 22.83 -20.86
C VAL A 1064 29.81 23.10 -21.22
N PHE A 1065 30.62 22.05 -21.29
CA PHE A 1065 31.99 22.12 -21.77
C PHE A 1065 31.99 21.63 -23.23
N ASP A 1066 32.51 22.44 -24.13
CA ASP A 1066 32.58 22.13 -25.54
C ASP A 1066 34.00 22.27 -26.03
N PHE A 1067 34.29 21.57 -27.12
CA PHE A 1067 35.54 21.73 -27.85
C PHE A 1067 35.12 22.48 -29.12
N GLU A 1068 35.47 23.75 -29.21
CA GLU A 1068 35.10 24.56 -30.37
C GLU A 1068 36.25 24.70 -31.31
N ALA A 1069 35.97 25.28 -32.48
CA ALA A 1069 36.95 25.42 -33.55
C ALA A 1069 38.24 26.09 -33.11
N ASP A 1070 38.16 27.04 -32.18
CA ASP A 1070 39.38 27.70 -31.69
C ASP A 1070 39.99 27.07 -30.41
N ASP A 1071 39.53 25.89 -30.01
CA ASP A 1071 40.11 25.20 -28.85
C ASP A 1071 41.23 24.25 -29.31
N THR A 1072 42.00 23.74 -28.36
CA THR A 1072 43.11 22.90 -28.70
C THR A 1072 43.46 21.83 -27.66
N ALA A 1073 44.07 20.78 -28.17
CA ALA A 1073 44.68 19.70 -27.41
C ALA A 1073 43.72 18.70 -26.78
N GLY A 1074 44.26 17.52 -26.50
CA GLY A 1074 43.52 16.46 -25.82
C GLY A 1074 43.62 16.60 -24.29
N ILE A 1075 42.54 16.23 -23.60
CA ILE A 1075 42.58 16.16 -22.18
C ILE A 1075 41.79 14.94 -21.72
N ASN A 1076 42.06 14.52 -20.49
CA ASN A 1076 41.19 13.58 -19.81
C ASN A 1076 40.52 14.46 -18.76
N PHE A 1077 39.20 14.34 -18.64
CA PHE A 1077 38.38 15.24 -17.81
C PHE A 1077 37.78 14.44 -16.66
N ASP A 1078 38.23 14.70 -15.45
CA ASP A 1078 37.84 13.89 -14.28
C ASP A 1078 36.50 14.30 -13.65
N HIS A 1079 36.41 15.57 -13.28
CA HIS A 1079 35.24 16.09 -12.59
C HIS A 1079 35.32 17.58 -12.45
N VAL A 1080 34.24 18.13 -11.91
CA VAL A 1080 34.18 19.51 -11.50
C VAL A 1080 33.63 19.56 -10.05
N VAL A 1081 34.11 20.56 -9.33
CA VAL A 1081 33.66 20.81 -7.96
C VAL A 1081 33.25 22.25 -7.89
N ILE A 1082 32.12 22.49 -7.23
N ILE A 1082 32.13 22.50 -7.22
CA ILE A 1082 31.65 23.84 -7.03
CA ILE A 1082 31.63 23.85 -7.05
C ILE A 1082 31.98 24.21 -5.61
C ILE A 1082 31.84 24.27 -5.61
N LYS A 1083 32.49 25.41 -5.41
CA LYS A 1083 32.81 25.90 -4.06
C LYS A 1083 32.63 27.42 -3.99
N LYS A 1084 32.77 27.98 -2.81
CA LYS A 1084 32.62 29.43 -2.64
C LYS A 1084 33.51 30.17 -3.61
#